data_4ZB6
#
_entry.id   4ZB6
#
_cell.length_a   92.437
_cell.length_b   94.059
_cell.length_c   104.627
_cell.angle_alpha   90.00
_cell.angle_beta   90.00
_cell.angle_gamma   90.00
#
_symmetry.space_group_name_H-M   'P 21 21 21'
#
loop_
_entity.id
_entity.type
_entity.pdbx_description
1 polymer PcUre2p4
2 non-polymer 'OXIDIZED GLUTATHIONE DISULFIDE'
3 non-polymer 'SODIUM ION'
4 water water
#
_entity_poly.entity_id   1
_entity_poly.type   'polypeptide(L)'
_entity_poly.pdbx_seq_one_letter_code
;MASHGKQFTLYTHNSGPNGWKVAIVLEELGLSYEPVFLDLMKGEHKAPEYLKINPNGRVPALIDHKNNNYTVWESNAVTQ
YLVDKYDNDRKISVAPGTNEYYTQLQWLYFQASGQGPYYGQAAWFSVYHPEKIPSAIERYRNEIKRVLGVLESTLSKQEW
LVGNKATVADFSFLTWNDIAANLLLENFRFEEEFPATAKWNKKLLERPAIAKVWEEKAKAAAH
;
_entity_poly.pdbx_strand_id   A,B,C,D
#
# COMPACT_ATOMS: atom_id res chain seq x y z
N HIS A 4 -5.87 22.51 9.41
CA HIS A 4 -6.99 23.39 9.07
C HIS A 4 -7.34 23.29 7.59
N GLY A 5 -8.64 23.23 7.31
CA GLY A 5 -9.14 22.82 6.01
C GLY A 5 -9.22 21.31 6.02
N LYS A 6 -8.40 20.71 6.88
CA LYS A 6 -8.33 19.26 7.06
C LYS A 6 -9.59 18.75 7.75
N GLN A 7 -9.99 17.53 7.41
CA GLN A 7 -11.22 16.95 7.98
C GLN A 7 -11.12 16.66 9.48
N PHE A 8 -9.95 16.20 9.92
CA PHE A 8 -9.77 15.84 11.32
C PHE A 8 -8.73 16.69 12.02
N THR A 9 -8.89 16.85 13.33
CA THR A 9 -7.81 17.31 14.18
C THR A 9 -7.42 16.14 15.06
N LEU A 10 -6.12 15.86 15.11
CA LEU A 10 -5.62 14.75 15.92
C LEU A 10 -4.74 15.30 17.01
N TYR A 11 -5.18 15.19 18.25
CA TYR A 11 -4.36 15.58 19.37
C TYR A 11 -3.42 14.45 19.68
N THR A 12 -2.13 14.75 19.72
CA THR A 12 -1.12 13.71 19.82
C THR A 12 0.16 14.26 20.44
N HIS A 13 1.25 13.52 20.27
CA HIS A 13 2.58 14.04 20.57
C HIS A 13 3.68 13.22 19.88
N ASN A 14 4.90 13.72 19.94
CA ASN A 14 6.02 13.16 19.20
C ASN A 14 6.35 11.70 19.48
N SER A 15 6.31 11.32 20.76
CA SER A 15 6.96 10.08 21.20
C SER A 15 6.04 8.89 21.37
N GLY A 16 4.86 9.13 21.95
CA GLY A 16 3.96 8.05 22.29
C GLY A 16 3.44 7.25 21.11
N PRO A 17 3.17 5.96 21.34
CA PRO A 17 2.77 4.98 20.32
C PRO A 17 1.30 5.06 19.87
N ASN A 18 0.39 5.49 20.73
CA ASN A 18 -1.02 5.45 20.35
C ASN A 18 -1.44 6.52 19.32
N GLY A 19 -0.78 7.67 19.35
CA GLY A 19 -1.05 8.72 18.38
C GLY A 19 -0.65 8.30 16.98
N TRP A 20 0.55 7.76 16.86
CA TRP A 20 1.04 7.29 15.56
C TRP A 20 0.19 6.15 15.04
N LYS A 21 -0.35 5.36 15.96
CA LYS A 21 -1.26 4.28 15.59
C LYS A 21 -2.49 4.84 14.87
N VAL A 22 -3.04 5.92 15.41
CA VAL A 22 -4.20 6.54 14.78
C VAL A 22 -3.79 7.17 13.44
N ALA A 23 -2.61 7.77 13.42
CA ALA A 23 -2.07 8.38 12.20
C ALA A 23 -2.01 7.36 11.06
N ILE A 24 -1.59 6.15 11.39
CA ILE A 24 -1.57 5.06 10.42
C ILE A 24 -2.97 4.81 9.85
N VAL A 25 -3.98 4.74 10.71
CA VAL A 25 -5.34 4.50 10.25
C VAL A 25 -5.83 5.63 9.33
N LEU A 26 -5.59 6.87 9.73
CA LEU A 26 -5.95 8.01 8.89
C LEU A 26 -5.28 7.97 7.52
N GLU A 27 -3.98 7.67 7.50
CA GLU A 27 -3.23 7.62 6.25
C GLU A 27 -3.68 6.47 5.36
N GLU A 28 -3.95 5.32 5.98
CA GLU A 28 -4.43 4.15 5.23
C GLU A 28 -5.77 4.45 4.57
N LEU A 29 -6.59 5.26 5.22
CA LEU A 29 -7.90 5.61 4.70
C LEU A 29 -7.87 6.84 3.80
N GLY A 30 -6.70 7.47 3.67
CA GLY A 30 -6.55 8.63 2.80
C GLY A 30 -7.30 9.86 3.29
N LEU A 31 -7.41 9.98 4.61
CA LEU A 31 -8.14 11.08 5.23
C LEU A 31 -7.19 12.21 5.64
N SER A 32 -7.62 13.45 5.44
CA SER A 32 -6.81 14.62 5.79
C SER A 32 -6.94 14.94 7.28
N TYR A 33 -5.82 15.27 7.91
CA TYR A 33 -5.83 15.59 9.33
C TYR A 33 -4.73 16.57 9.69
N GLU A 34 -5.00 17.42 10.67
CA GLU A 34 -3.97 18.30 11.22
C GLU A 34 -3.60 17.79 12.61
N PRO A 35 -2.35 17.35 12.79
CA PRO A 35 -1.91 16.89 14.10
C PRO A 35 -1.58 18.07 15.00
N VAL A 36 -2.11 18.06 16.21
CA VAL A 36 -1.67 19.01 17.24
C VAL A 36 -0.82 18.25 18.24
N PHE A 37 0.49 18.50 18.21
CA PHE A 37 1.41 17.82 19.12
C PHE A 37 1.44 18.55 20.46
N LEU A 38 0.89 17.91 21.50
CA LEU A 38 0.88 18.49 22.84
C LEU A 38 2.18 18.20 23.57
N ASP A 39 2.59 19.13 24.43
CA ASP A 39 3.75 18.92 25.28
C ASP A 39 3.30 18.37 26.63
N LEU A 40 3.49 17.07 26.82
CA LEU A 40 3.03 16.42 28.04
C LEU A 40 3.89 16.83 29.23
N MET A 41 5.16 17.14 28.99
CA MET A 41 6.05 17.57 30.05
C MET A 41 5.77 19.00 30.50
N LYS A 42 5.01 19.72 29.69
CA LYS A 42 4.53 21.05 30.07
C LYS A 42 3.11 20.96 30.60
N GLY A 43 2.63 19.74 30.80
CA GLY A 43 1.31 19.51 31.35
C GLY A 43 0.17 20.01 30.47
N GLU A 44 0.41 20.10 29.17
CA GLU A 44 -0.59 20.61 28.24
C GLU A 44 -1.82 19.71 28.14
N HIS A 45 -1.65 18.44 28.47
CA HIS A 45 -2.74 17.47 28.40
C HIS A 45 -3.61 17.50 29.65
N LYS A 46 -3.16 18.24 30.66
CA LYS A 46 -3.92 18.35 31.91
C LYS A 46 -4.53 19.74 32.07
N ALA A 47 -4.37 20.58 31.04
CA ALA A 47 -4.95 21.91 31.03
C ALA A 47 -6.46 21.82 30.84
N PRO A 48 -7.21 22.80 31.37
CA PRO A 48 -8.68 22.80 31.27
C PRO A 48 -9.19 22.70 29.83
N GLU A 49 -8.45 23.30 28.89
CA GLU A 49 -8.86 23.32 27.49
C GLU A 49 -8.89 21.93 26.87
N TYR A 50 -7.85 21.14 27.15
CA TYR A 50 -7.79 19.79 26.60
C TYR A 50 -8.69 18.83 27.39
N LEU A 51 -8.90 19.11 28.67
CA LEU A 51 -9.75 18.25 29.49
C LEU A 51 -11.20 18.27 28.99
N LYS A 52 -11.58 19.36 28.31
CA LYS A 52 -12.88 19.45 27.67
C LYS A 52 -12.96 18.47 26.50
N ILE A 53 -11.80 18.20 25.90
CA ILE A 53 -11.72 17.26 24.78
C ILE A 53 -11.62 15.82 25.29
N ASN A 54 -10.71 15.59 26.22
CA ASN A 54 -10.60 14.30 26.88
C ASN A 54 -10.40 14.49 28.38
N PRO A 55 -11.41 14.12 29.18
CA PRO A 55 -11.35 14.28 30.65
C PRO A 55 -10.33 13.36 31.30
N ASN A 56 -9.88 12.35 30.56
CA ASN A 56 -8.82 11.47 31.04
C ASN A 56 -7.47 12.17 30.99
N GLY A 57 -7.40 13.25 30.23
CA GLY A 57 -6.16 14.01 30.11
C GLY A 57 -5.02 13.17 29.57
N ARG A 58 -5.30 12.42 28.51
CA ARG A 58 -4.28 11.64 27.82
C ARG A 58 -4.50 11.80 26.32
N VAL A 59 -3.45 11.60 25.54
CA VAL A 59 -3.56 11.61 24.09
C VAL A 59 -3.53 10.17 23.59
N PRO A 60 -4.10 9.90 22.40
CA PRO A 60 -4.70 10.85 21.46
C PRO A 60 -6.20 11.10 21.66
N ALA A 61 -6.69 12.09 20.92
CA ALA A 61 -8.10 12.38 20.80
C ALA A 61 -8.33 12.88 19.39
N LEU A 62 -9.53 12.67 18.87
CA LEU A 62 -9.83 13.00 17.48
C LEU A 62 -11.10 13.83 17.37
N ILE A 63 -11.05 14.86 16.52
CA ILE A 63 -12.24 15.65 16.19
C ILE A 63 -12.51 15.52 14.69
N ASP A 64 -13.73 15.13 14.35
CA ASP A 64 -14.16 14.99 12.96
C ASP A 64 -14.96 16.23 12.54
N HIS A 65 -14.30 17.17 11.86
CA HIS A 65 -14.94 18.43 11.50
C HIS A 65 -16.04 18.26 10.45
N LYS A 66 -16.08 17.09 9.81
CA LYS A 66 -17.12 16.82 8.81
C LYS A 66 -18.35 16.20 9.49
N ASN A 67 -18.21 15.82 10.74
CA ASN A 67 -19.31 15.22 11.48
C ASN A 67 -19.71 16.09 12.67
N ASN A 68 -19.90 17.38 12.40
CA ASN A 68 -20.24 18.37 13.43
C ASN A 68 -19.29 18.32 14.62
N ASN A 69 -18.01 18.19 14.31
CA ASN A 69 -16.96 18.17 15.33
C ASN A 69 -17.13 17.05 16.37
N TYR A 70 -17.64 15.91 15.92
CA TYR A 70 -17.73 14.76 16.80
C TYR A 70 -16.36 14.41 17.36
N THR A 71 -16.29 14.27 18.68
CA THR A 71 -15.02 14.06 19.36
C THR A 71 -15.00 12.70 20.08
N VAL A 72 -13.89 11.99 19.94
CA VAL A 72 -13.74 10.68 20.58
C VAL A 72 -12.29 10.47 20.99
N TRP A 73 -12.09 9.84 22.14
CA TRP A 73 -10.75 9.49 22.58
C TRP A 73 -10.67 7.99 22.89
N GLU A 74 -9.54 7.55 23.42
CA GLU A 74 -9.12 6.14 23.39
C GLU A 74 -8.78 5.73 21.96
N SER A 75 -7.48 5.49 21.73
CA SER A 75 -6.96 5.28 20.38
C SER A 75 -7.67 4.17 19.61
N ASN A 76 -8.07 3.09 20.29
CA ASN A 76 -8.77 2.01 19.59
C ASN A 76 -10.25 2.31 19.36
N ALA A 77 -10.83 3.19 20.18
CA ALA A 77 -12.19 3.65 19.95
C ALA A 77 -12.20 4.62 18.77
N VAL A 78 -11.18 5.48 18.71
CA VAL A 78 -10.99 6.39 17.58
C VAL A 78 -10.85 5.60 16.30
N THR A 79 -10.01 4.56 16.37
CA THR A 79 -9.78 3.68 15.23
C THR A 79 -11.07 3.05 14.73
N GLN A 80 -11.88 2.53 15.65
CA GLN A 80 -13.13 1.87 15.27
C GLN A 80 -14.08 2.85 14.58
N TYR A 81 -14.19 4.05 15.14
CA TYR A 81 -14.97 5.11 14.54
C TYR A 81 -14.54 5.36 13.10
N LEU A 82 -13.24 5.52 12.89
CA LEU A 82 -12.70 5.81 11.57
C LEU A 82 -12.99 4.71 10.54
N VAL A 83 -12.71 3.46 10.88
CA VAL A 83 -12.92 2.39 9.90
C VAL A 83 -14.40 2.10 9.68
N ASP A 84 -15.20 2.20 10.73
CA ASP A 84 -16.62 1.91 10.59
C ASP A 84 -17.31 2.95 9.71
N LYS A 85 -16.93 4.22 9.88
CA LYS A 85 -17.57 5.29 9.14
C LYS A 85 -16.91 5.52 7.78
N TYR A 86 -15.59 5.34 7.69
CA TYR A 86 -14.89 5.77 6.47
C TYR A 86 -14.20 4.67 5.66
N ASP A 87 -14.30 3.41 6.09
CA ASP A 87 -13.71 2.33 5.32
C ASP A 87 -14.80 1.48 4.70
N ASN A 88 -15.63 2.12 3.89
CA ASN A 88 -16.78 1.45 3.27
C ASN A 88 -16.37 0.33 2.33
N ASP A 89 -15.20 0.49 1.72
CA ASP A 89 -14.68 -0.55 0.83
C ASP A 89 -13.96 -1.65 1.60
N ARG A 90 -13.92 -1.52 2.93
CA ARG A 90 -13.33 -2.54 3.80
C ARG A 90 -11.88 -2.86 3.45
N LYS A 91 -11.09 -1.83 3.18
CA LYS A 91 -9.69 -2.01 2.83
C LYS A 91 -8.83 -2.44 4.02
N ILE A 92 -9.19 -1.99 5.22
CA ILE A 92 -8.39 -2.29 6.41
C ILE A 92 -9.24 -2.73 7.61
N SER A 93 -10.43 -3.24 7.35
CA SER A 93 -11.35 -3.61 8.43
C SER A 93 -12.39 -4.59 7.94
N VAL A 94 -12.99 -5.34 8.87
CA VAL A 94 -14.12 -6.20 8.53
C VAL A 94 -15.43 -5.42 8.74
N ALA A 95 -16.54 -5.97 8.27
CA ALA A 95 -17.80 -5.24 8.28
C ALA A 95 -18.50 -5.23 9.63
N PRO A 96 -18.98 -4.05 10.07
CA PRO A 96 -19.88 -4.00 11.22
C PRO A 96 -21.09 -4.90 11.02
N GLY A 97 -21.56 -5.54 12.09
CA GLY A 97 -22.73 -6.40 12.02
C GLY A 97 -22.43 -7.87 11.80
N THR A 98 -21.18 -8.19 11.48
CA THR A 98 -20.78 -9.58 11.28
C THR A 98 -20.36 -10.22 12.60
N ASN A 99 -20.10 -11.53 12.59
CA ASN A 99 -19.44 -12.17 13.72
C ASN A 99 -17.98 -11.75 13.81
N GLU A 100 -17.29 -11.72 12.67
CA GLU A 100 -15.84 -11.45 12.68
C GLU A 100 -15.52 -10.05 13.20
N TYR A 101 -16.48 -9.14 13.14
CA TYR A 101 -16.30 -7.81 13.71
C TYR A 101 -15.90 -7.89 15.18
N TYR A 102 -16.46 -8.87 15.87
CA TYR A 102 -16.21 -9.00 17.31
C TYR A 102 -14.92 -9.74 17.60
N THR A 103 -14.43 -10.46 16.60
CA THR A 103 -13.08 -11.05 16.67
C THR A 103 -12.04 -9.97 16.41
N GLN A 104 -12.33 -9.07 15.47
CA GLN A 104 -11.51 -7.90 15.25
C GLN A 104 -11.47 -7.06 16.53
N LEU A 105 -12.62 -6.92 17.16
CA LEU A 105 -12.74 -6.12 18.38
C LEU A 105 -11.99 -6.78 19.55
N GLN A 106 -12.14 -8.09 19.65
CA GLN A 106 -11.39 -8.89 20.63
C GLN A 106 -9.89 -8.62 20.54
N TRP A 107 -9.34 -8.70 19.33
CA TRP A 107 -7.92 -8.44 19.15
C TRP A 107 -7.53 -7.00 19.49
N LEU A 108 -8.43 -6.06 19.19
CA LEU A 108 -8.19 -4.66 19.55
C LEU A 108 -8.24 -4.44 21.06
N TYR A 109 -9.11 -5.18 21.76
CA TYR A 109 -9.09 -5.11 23.21
C TYR A 109 -7.86 -5.80 23.79
N PHE A 110 -7.38 -6.85 23.14
CA PHE A 110 -6.14 -7.47 23.59
C PHE A 110 -4.99 -6.47 23.45
N GLN A 111 -4.98 -5.73 22.36
CA GLN A 111 -3.96 -4.71 22.18
C GLN A 111 -4.10 -3.65 23.26
N ALA A 112 -5.31 -3.14 23.43
CA ALA A 112 -5.53 -2.02 24.33
C ALA A 112 -5.37 -2.35 25.81
N SER A 113 -5.66 -3.59 26.20
CA SER A 113 -5.66 -3.95 27.62
C SER A 113 -4.55 -4.93 27.98
N GLY A 114 -4.02 -5.63 26.98
CA GLY A 114 -3.05 -6.68 27.22
C GLY A 114 -1.65 -6.30 26.76
N GLN A 115 -1.55 -5.57 25.66
CA GLN A 115 -0.24 -5.09 25.22
C GLN A 115 0.10 -3.73 25.82
N GLY A 116 -0.66 -2.72 25.44
CA GLY A 116 -0.38 -1.33 25.81
C GLY A 116 -0.05 -1.04 27.27
N PRO A 117 -0.98 -1.36 28.18
CA PRO A 117 -0.75 -1.02 29.59
C PRO A 117 0.43 -1.78 30.20
N TYR A 118 0.59 -3.05 29.85
CA TYR A 118 1.69 -3.83 30.42
C TYR A 118 3.04 -3.41 29.84
N TYR A 119 3.11 -3.20 28.53
CA TYR A 119 4.34 -2.70 27.91
C TYR A 119 4.64 -1.32 28.50
N GLY A 120 3.57 -0.56 28.73
CA GLY A 120 3.70 0.76 29.33
C GLY A 120 4.28 0.74 30.73
N GLN A 121 4.02 -0.33 31.48
CA GLN A 121 4.59 -0.43 32.82
C GLN A 121 6.07 -0.78 32.74
N ALA A 122 6.44 -1.57 31.73
CA ALA A 122 7.85 -1.82 31.46
C ALA A 122 8.54 -0.50 31.17
N ALA A 123 7.92 0.32 30.33
CA ALA A 123 8.46 1.64 30.02
C ALA A 123 8.60 2.48 31.28
N TRP A 124 7.55 2.53 32.09
CA TRP A 124 7.60 3.35 33.31
C TRP A 124 8.75 2.98 34.24
N PHE A 125 8.83 1.71 34.61
CA PHE A 125 9.84 1.27 35.57
C PHE A 125 11.26 1.33 35.00
N SER A 126 11.38 1.13 33.69
CA SER A 126 12.68 1.18 33.05
C SER A 126 13.21 2.60 32.85
N VAL A 127 12.31 3.55 32.67
CA VAL A 127 12.70 4.89 32.25
C VAL A 127 12.33 6.00 33.23
N TYR A 128 11.11 5.99 33.72
CA TYR A 128 10.59 7.14 34.48
C TYR A 128 10.56 6.99 36.00
N HIS A 129 10.27 5.80 36.49
CA HIS A 129 10.18 5.59 37.94
C HIS A 129 11.49 6.03 38.61
N PRO A 130 11.38 6.90 39.62
CA PRO A 130 12.52 7.59 40.22
C PRO A 130 13.46 6.68 41.02
N GLU A 131 13.06 5.44 41.23
CA GLU A 131 14.00 4.43 41.73
C GLU A 131 13.96 3.20 40.85
N LYS A 132 15.12 2.56 40.70
CA LYS A 132 15.24 1.39 39.83
C LYS A 132 14.92 0.12 40.59
N ILE A 133 13.93 -0.62 40.09
CA ILE A 133 13.43 -1.79 40.80
C ILE A 133 13.45 -3.01 39.90
N PRO A 134 14.51 -3.84 40.02
CA PRO A 134 14.75 -5.00 39.15
C PRO A 134 13.57 -5.97 39.06
N SER A 135 12.89 -6.24 40.17
CA SER A 135 11.80 -7.22 40.16
C SER A 135 10.59 -6.70 39.39
N ALA A 136 10.40 -5.38 39.41
CA ALA A 136 9.30 -4.76 38.66
C ALA A 136 9.64 -4.71 37.17
N ILE A 137 10.86 -4.30 36.86
CA ILE A 137 11.33 -4.28 35.49
C ILE A 137 11.23 -5.68 34.89
N GLU A 138 11.66 -6.67 35.66
CA GLU A 138 11.60 -8.06 35.22
C GLU A 138 10.17 -8.53 34.98
N ARG A 139 9.27 -8.14 35.88
CA ARG A 139 7.86 -8.51 35.78
C ARG A 139 7.25 -8.12 34.43
N TYR A 140 7.48 -6.89 34.01
CA TYR A 140 6.83 -6.42 32.79
C TYR A 140 7.58 -6.81 31.51
N ARG A 141 8.88 -7.02 31.61
CA ARG A 141 9.63 -7.56 30.48
C ARG A 141 9.11 -8.96 30.17
N ASN A 142 8.89 -9.72 31.23
CA ASN A 142 8.31 -11.04 31.14
C ASN A 142 6.93 -11.04 30.48
N GLU A 143 6.11 -10.07 30.86
CA GLU A 143 4.76 -9.97 30.30
C GLU A 143 4.81 -9.59 28.82
N ILE A 144 5.75 -8.73 28.46
CA ILE A 144 5.97 -8.40 27.04
C ILE A 144 6.21 -9.67 26.24
N LYS A 145 7.12 -10.51 26.72
CA LYS A 145 7.42 -11.79 26.07
C LYS A 145 6.19 -12.72 26.02
N ARG A 146 5.37 -12.70 27.07
CA ARG A 146 4.17 -13.54 27.10
C ARG A 146 3.19 -13.09 26.03
N VAL A 147 3.01 -11.78 25.92
CA VAL A 147 2.14 -11.20 24.89
C VAL A 147 2.61 -11.53 23.48
N LEU A 148 3.92 -11.37 23.24
CA LEU A 148 4.48 -11.74 21.94
C LEU A 148 4.23 -13.22 21.67
N GLY A 149 4.30 -14.02 22.72
CA GLY A 149 4.03 -15.44 22.61
C GLY A 149 2.61 -15.74 22.19
N VAL A 150 1.66 -14.96 22.69
CA VAL A 150 0.26 -15.10 22.32
C VAL A 150 0.07 -14.79 20.84
N LEU A 151 0.63 -13.66 20.40
CA LEU A 151 0.60 -13.28 18.99
C LEU A 151 1.22 -14.40 18.14
N GLU A 152 2.39 -14.87 18.56
CA GLU A 152 3.10 -15.92 17.84
C GLU A 152 2.27 -17.19 17.69
N SER A 153 1.55 -17.57 18.74
CA SER A 153 0.78 -18.81 18.70
C SER A 153 -0.35 -18.75 17.68
N THR A 154 -0.87 -17.56 17.45
CA THR A 154 -1.92 -17.35 16.46
C THR A 154 -1.35 -17.17 15.06
N LEU A 155 -0.34 -16.31 14.93
CA LEU A 155 0.22 -15.95 13.63
C LEU A 155 1.03 -17.09 12.99
N SER A 156 1.41 -18.07 13.79
CA SER A 156 2.11 -19.23 13.25
C SER A 156 1.11 -20.18 12.57
N LYS A 157 -0.18 -19.93 12.78
CA LYS A 157 -1.24 -20.81 12.26
C LYS A 157 -2.11 -20.12 11.23
N GLN A 158 -2.11 -18.79 11.22
CA GLN A 158 -2.88 -18.02 10.24
C GLN A 158 -2.13 -16.75 9.87
N GLU A 159 -2.38 -16.26 8.65
CA GLU A 159 -1.65 -15.11 8.12
C GLU A 159 -1.93 -13.80 8.86
N TRP A 160 -3.21 -13.55 9.13
CA TRP A 160 -3.65 -12.30 9.75
C TRP A 160 -4.57 -12.60 10.92
N LEU A 161 -4.72 -11.63 11.84
CA LEU A 161 -5.54 -11.85 13.03
C LEU A 161 -7.01 -12.15 12.71
N VAL A 162 -7.57 -11.45 11.72
CA VAL A 162 -8.98 -11.63 11.40
C VAL A 162 -9.28 -11.35 9.91
N GLY A 163 -10.27 -12.06 9.38
CA GLY A 163 -10.82 -11.73 8.06
C GLY A 163 -9.96 -12.07 6.86
N ASN A 164 -8.89 -12.83 7.08
CA ASN A 164 -8.01 -13.26 5.99
C ASN A 164 -7.37 -12.09 5.23
N LYS A 165 -7.22 -10.95 5.90
CA LYS A 165 -6.61 -9.77 5.28
C LYS A 165 -6.03 -8.90 6.39
N ALA A 166 -5.05 -8.08 6.07
CA ALA A 166 -4.51 -7.14 7.04
C ALA A 166 -5.62 -6.17 7.44
N THR A 167 -5.77 -5.94 8.74
CA THR A 167 -6.75 -4.99 9.26
C THR A 167 -6.13 -4.15 10.36
N VAL A 168 -6.89 -3.19 10.87
CA VAL A 168 -6.45 -2.37 11.99
C VAL A 168 -6.14 -3.20 13.24
N ALA A 169 -6.70 -4.41 13.32
CA ALA A 169 -6.35 -5.31 14.42
C ALA A 169 -4.87 -5.65 14.36
N ASP A 170 -4.40 -6.03 13.17
CA ASP A 170 -2.97 -6.28 12.98
C ASP A 170 -2.16 -5.00 13.20
N PHE A 171 -2.62 -3.89 12.61
CA PHE A 171 -1.88 -2.62 12.69
C PHE A 171 -1.67 -2.18 14.13
N SER A 172 -2.65 -2.48 14.99
CA SER A 172 -2.69 -1.88 16.34
C SER A 172 -1.49 -2.20 17.22
N PHE A 173 -0.84 -3.34 16.97
CA PHE A 173 0.27 -3.80 17.80
C PHE A 173 1.62 -3.20 17.41
N LEU A 174 1.70 -2.59 16.23
CA LEU A 174 2.96 -2.11 15.67
C LEU A 174 3.76 -1.19 16.58
N THR A 175 3.14 -0.11 17.04
CA THR A 175 3.91 0.94 17.72
C THR A 175 4.47 0.51 19.07
N TRP A 176 3.69 -0.23 19.85
CA TRP A 176 4.21 -0.75 21.12
C TRP A 176 5.25 -1.84 20.90
N ASN A 177 5.06 -2.67 19.88
CA ASN A 177 6.06 -3.68 19.56
C ASN A 177 7.39 -3.07 19.13
N ASP A 178 7.33 -1.92 18.47
CA ASP A 178 8.52 -1.20 18.06
C ASP A 178 9.29 -0.75 19.31
N ILE A 179 8.56 -0.17 20.27
CA ILE A 179 9.17 0.29 21.52
C ILE A 179 9.74 -0.87 22.31
N ALA A 180 9.01 -1.98 22.38
CA ALA A 180 9.48 -3.16 23.10
C ALA A 180 10.75 -3.74 22.46
N ALA A 181 10.74 -3.85 21.14
CA ALA A 181 11.85 -4.45 20.41
C ALA A 181 13.14 -3.65 20.49
N ASN A 182 13.01 -2.32 20.49
CA ASN A 182 14.18 -1.45 20.43
C ASN A 182 14.58 -0.82 21.76
N LEU A 183 13.66 -0.78 22.72
CA LEU A 183 13.92 -0.07 23.96
C LEU A 183 13.71 -0.89 25.22
N LEU A 184 12.58 -1.59 25.31
CA LEU A 184 12.19 -2.24 26.57
C LEU A 184 12.88 -3.58 26.83
N LEU A 185 13.15 -4.32 25.75
CA LEU A 185 13.86 -5.59 25.89
C LEU A 185 15.33 -5.41 25.55
N GLU A 186 16.19 -6.15 26.24
CA GLU A 186 17.62 -6.08 25.98
C GLU A 186 18.06 -7.23 25.08
N ASN A 187 18.90 -6.91 24.10
CA ASN A 187 19.43 -7.88 23.15
C ASN A 187 18.33 -8.73 22.52
N PHE A 188 17.24 -8.08 22.14
CA PHE A 188 16.10 -8.76 21.57
C PHE A 188 16.34 -9.09 20.10
N ARG A 189 16.00 -10.31 19.71
CA ARG A 189 16.14 -10.76 18.33
C ARG A 189 14.77 -11.22 17.84
N PHE A 190 14.00 -10.29 17.29
CA PHE A 190 12.60 -10.52 16.93
C PHE A 190 12.40 -11.78 16.08
N GLU A 191 13.15 -11.89 14.99
CA GLU A 191 13.00 -12.99 14.04
C GLU A 191 13.36 -14.34 14.67
N GLU A 192 14.38 -14.34 15.51
CA GLU A 192 14.81 -15.56 16.17
C GLU A 192 13.81 -16.03 17.23
N GLU A 193 13.34 -15.09 18.05
CA GLU A 193 12.50 -15.42 19.20
C GLU A 193 11.03 -15.60 18.85
N PHE A 194 10.54 -14.82 17.90
CA PHE A 194 9.14 -14.87 17.47
C PHE A 194 9.01 -14.71 15.95
N PRO A 195 9.38 -15.76 15.21
CA PRO A 195 9.52 -15.66 13.75
C PRO A 195 8.23 -15.28 13.00
N ALA A 196 7.09 -15.88 13.37
CA ALA A 196 5.84 -15.56 12.69
C ALA A 196 5.46 -14.11 12.94
N THR A 197 5.59 -13.69 14.19
CA THR A 197 5.25 -12.33 14.58
C THR A 197 6.19 -11.32 13.90
N ALA A 198 7.48 -11.65 13.82
CA ALA A 198 8.45 -10.77 13.19
C ALA A 198 8.17 -10.60 11.70
N LYS A 199 7.77 -11.67 11.04
CA LYS A 199 7.45 -11.63 9.62
C LYS A 199 6.20 -10.80 9.36
N TRP A 200 5.22 -10.97 10.26
CA TRP A 200 3.98 -10.23 10.26
C TRP A 200 4.27 -8.74 10.44
N ASN A 201 5.09 -8.45 11.44
CA ASN A 201 5.55 -7.10 11.70
C ASN A 201 6.21 -6.46 10.48
N LYS A 202 7.16 -7.19 9.88
CA LYS A 202 7.90 -6.70 8.74
C LYS A 202 6.99 -6.38 7.55
N LYS A 203 6.06 -7.28 7.27
CA LYS A 203 5.14 -7.12 6.15
C LYS A 203 4.27 -5.87 6.32
N LEU A 204 3.75 -5.66 7.53
CA LEU A 204 2.93 -4.49 7.78
C LEU A 204 3.72 -3.20 7.60
N LEU A 205 4.98 -3.22 8.00
CA LEU A 205 5.80 -2.02 7.89
C LEU A 205 6.14 -1.68 6.43
N GLU A 206 5.92 -2.64 5.54
CA GLU A 206 6.16 -2.45 4.11
C GLU A 206 5.03 -1.69 3.42
N ARG A 207 3.84 -1.72 4.02
CA ARG A 207 2.67 -1.04 3.45
C ARG A 207 3.00 0.44 3.22
N PRO A 208 2.65 0.95 2.03
CA PRO A 208 2.95 2.33 1.63
C PRO A 208 2.53 3.36 2.69
N ALA A 209 1.30 3.28 3.18
CA ALA A 209 0.80 4.23 4.16
C ALA A 209 1.54 4.11 5.49
N ILE A 210 1.80 2.87 5.91
CA ILE A 210 2.50 2.63 7.17
C ILE A 210 3.96 3.06 7.09
N ALA A 211 4.60 2.77 5.97
CA ALA A 211 5.99 3.20 5.77
C ALA A 211 6.12 4.72 5.81
N LYS A 212 5.12 5.40 5.27
CA LYS A 212 5.12 6.86 5.27
C LYS A 212 5.04 7.42 6.70
N VAL A 213 4.11 6.89 7.48
CA VAL A 213 3.97 7.30 8.87
C VAL A 213 5.20 6.91 9.69
N TRP A 214 5.75 5.74 9.41
CA TRP A 214 6.91 5.25 10.15
C TRP A 214 8.10 6.18 9.99
N GLU A 215 8.24 6.77 8.80
CA GLU A 215 9.29 7.75 8.56
C GLU A 215 8.99 9.06 9.30
N GLU A 216 7.73 9.45 9.33
CA GLU A 216 7.33 10.66 10.06
C GLU A 216 7.65 10.49 11.54
N LYS A 217 7.33 9.31 12.07
CA LYS A 217 7.61 8.97 13.46
C LYS A 217 9.11 9.00 13.73
N ALA A 218 9.89 8.45 12.81
CA ALA A 218 11.34 8.38 12.97
C ALA A 218 11.94 9.78 13.05
N LYS A 219 11.49 10.67 12.16
CA LYS A 219 11.98 12.05 12.16
C LYS A 219 11.50 12.84 13.37
N ALA A 220 10.32 12.48 13.88
CA ALA A 220 9.76 13.14 15.03
C ALA A 220 10.53 12.81 16.30
N ALA A 221 11.02 11.58 16.38
CA ALA A 221 11.84 11.17 17.52
C ALA A 221 13.04 12.10 17.70
N ALA A 222 13.39 12.83 16.66
CA ALA A 222 14.77 13.26 16.45
C ALA A 222 14.83 14.74 16.11
N HIS B 4 -34.06 -26.43 25.35
CA HIS B 4 -33.14 -25.64 24.54
C HIS B 4 -31.69 -26.06 24.77
N GLY B 5 -31.31 -26.09 26.05
CA GLY B 5 -29.92 -26.06 26.43
C GLY B 5 -29.59 -24.58 26.62
N LYS B 6 -28.70 -24.26 27.55
CA LYS B 6 -28.37 -22.86 27.79
C LYS B 6 -27.63 -22.27 26.60
N GLN B 7 -27.94 -21.03 26.24
CA GLN B 7 -27.38 -20.43 25.03
C GLN B 7 -25.86 -20.28 25.08
N PHE B 8 -25.35 -19.83 26.22
CA PHE B 8 -23.93 -19.52 26.32
C PHE B 8 -23.20 -20.41 27.31
N THR B 9 -21.91 -20.59 27.06
CA THR B 9 -20.99 -21.05 28.09
C THR B 9 -20.09 -19.87 28.42
N LEU B 10 -19.92 -19.58 29.69
CA LEU B 10 -19.04 -18.51 30.12
C LEU B 10 -17.88 -19.12 30.88
N TYR B 11 -16.69 -19.06 30.29
CA TYR B 11 -15.50 -19.50 30.98
C TYR B 11 -15.05 -18.41 31.93
N THR B 12 -14.92 -18.76 33.19
CA THR B 12 -14.68 -17.77 34.21
C THR B 12 -13.94 -18.42 35.38
N HIS B 13 -13.93 -17.76 36.52
CA HIS B 13 -13.45 -18.41 37.72
C HIS B 13 -14.22 -17.88 38.92
N ASN B 14 -14.23 -18.66 40.00
CA ASN B 14 -15.09 -18.44 41.16
C ASN B 14 -15.45 -16.99 41.43
N SER B 15 -14.45 -16.12 41.50
CA SER B 15 -14.70 -14.70 41.62
C SER B 15 -13.57 -13.84 41.08
N GLY B 16 -13.85 -13.20 39.95
CA GLY B 16 -12.94 -12.24 39.37
C GLY B 16 -13.75 -11.12 38.75
N PRO B 17 -13.17 -9.92 38.67
CA PRO B 17 -13.95 -8.76 38.25
C PRO B 17 -14.52 -8.84 36.84
N ASN B 18 -13.78 -9.39 35.89
CA ASN B 18 -14.24 -9.40 34.49
C ASN B 18 -15.31 -10.45 34.18
N GLY B 19 -15.27 -11.58 34.87
CA GLY B 19 -16.29 -12.61 34.71
C GLY B 19 -17.64 -12.15 35.23
N TRP B 20 -17.63 -11.56 36.43
CA TRP B 20 -18.87 -11.03 37.01
C TRP B 20 -19.44 -9.91 36.15
N LYS B 21 -18.54 -9.13 35.54
CA LYS B 21 -18.95 -8.06 34.63
C LYS B 21 -19.75 -8.64 33.46
N VAL B 22 -19.23 -9.71 32.87
CA VAL B 22 -19.96 -10.38 31.79
C VAL B 22 -21.27 -10.99 32.31
N ALA B 23 -21.22 -11.54 33.52
CA ALA B 23 -22.42 -12.15 34.12
C ALA B 23 -23.53 -11.12 34.27
N ILE B 24 -23.17 -9.91 34.66
CA ILE B 24 -24.13 -8.81 34.77
C ILE B 24 -24.81 -8.53 33.43
N VAL B 25 -24.04 -8.51 32.36
CA VAL B 25 -24.59 -8.25 31.03
C VAL B 25 -25.58 -9.36 30.64
N LEU B 26 -25.18 -10.60 30.84
CA LEU B 26 -26.03 -11.76 30.54
C LEU B 26 -27.35 -11.71 31.33
N GLU B 27 -27.25 -11.39 32.62
CA GLU B 27 -28.42 -11.36 33.48
C GLU B 27 -29.33 -10.18 33.12
N GLU B 28 -28.72 -9.04 32.80
CA GLU B 28 -29.49 -7.86 32.39
C GLU B 28 -30.24 -8.12 31.09
N LEU B 29 -29.66 -8.95 30.22
CA LEU B 29 -30.27 -9.26 28.93
C LEU B 29 -31.19 -10.49 29.01
N GLY B 30 -31.24 -11.13 30.18
CA GLY B 30 -32.08 -12.29 30.37
C GLY B 30 -31.64 -13.49 29.55
N LEU B 31 -30.34 -13.59 29.31
CA LEU B 31 -29.78 -14.67 28.48
C LEU B 31 -29.34 -15.84 29.35
N SER B 32 -29.61 -17.06 28.88
CA SER B 32 -29.22 -18.27 29.63
C SER B 32 -27.75 -18.61 29.38
N TYR B 33 -27.05 -19.01 30.44
CA TYR B 33 -25.65 -19.37 30.32
C TYR B 33 -25.19 -20.37 31.38
N GLU B 34 -24.19 -21.17 31.02
CA GLU B 34 -23.57 -22.08 31.96
C GLU B 34 -22.16 -21.59 32.23
N PRO B 35 -21.88 -21.24 33.50
CA PRO B 35 -20.50 -20.85 33.86
C PRO B 35 -19.61 -22.07 33.99
N VAL B 36 -18.39 -21.98 33.46
CA VAL B 36 -17.38 -22.99 33.68
C VAL B 36 -16.26 -22.34 34.48
N PHE B 37 -16.08 -22.81 35.71
CA PHE B 37 -15.11 -22.21 36.62
C PHE B 37 -13.77 -22.87 36.46
N LEU B 38 -12.83 -22.12 35.91
CA LEU B 38 -11.46 -22.61 35.76
C LEU B 38 -10.72 -22.40 37.08
N ASP B 39 -9.91 -23.38 37.45
CA ASP B 39 -9.08 -23.27 38.63
C ASP B 39 -7.76 -22.66 38.22
N LEU B 40 -7.60 -21.36 38.43
CA LEU B 40 -6.39 -20.65 38.01
C LEU B 40 -5.17 -21.08 38.83
N MET B 41 -5.41 -21.44 40.09
CA MET B 41 -4.33 -21.93 40.94
C MET B 41 -3.70 -23.19 40.35
N LYS B 42 -4.51 -24.06 39.76
CA LYS B 42 -4.02 -25.29 39.16
C LYS B 42 -3.58 -25.10 37.71
N GLY B 43 -3.61 -23.86 37.23
CA GLY B 43 -3.17 -23.55 35.88
C GLY B 43 -4.05 -24.04 34.75
N GLU B 44 -5.33 -24.27 35.04
CA GLU B 44 -6.26 -24.79 34.03
C GLU B 44 -6.40 -23.84 32.84
N HIS B 45 -6.21 -22.55 33.11
CA HIS B 45 -6.34 -21.52 32.09
C HIS B 45 -5.12 -21.47 31.17
N LYS B 46 -4.06 -22.19 31.52
CA LYS B 46 -2.87 -22.25 30.69
C LYS B 46 -2.71 -23.63 30.03
N ALA B 47 -3.70 -24.49 30.24
CA ALA B 47 -3.68 -25.83 29.66
C ALA B 47 -4.10 -25.76 28.20
N PRO B 48 -3.61 -26.72 27.38
CA PRO B 48 -3.90 -26.68 25.94
C PRO B 48 -5.38 -26.59 25.61
N GLU B 49 -6.21 -27.29 26.39
CA GLU B 49 -7.65 -27.30 26.18
C GLU B 49 -8.27 -25.90 26.24
N TYR B 50 -7.86 -25.10 27.22
CA TYR B 50 -8.39 -23.75 27.31
C TYR B 50 -7.74 -22.79 26.33
N LEU B 51 -6.48 -23.03 25.99
CA LEU B 51 -5.78 -22.17 25.03
C LEU B 51 -6.45 -22.19 23.66
N LYS B 52 -7.11 -23.31 23.35
CA LYS B 52 -7.91 -23.43 22.12
C LYS B 52 -9.09 -22.47 22.11
N ILE B 53 -9.53 -22.07 23.31
CA ILE B 53 -10.66 -21.16 23.46
C ILE B 53 -10.17 -19.71 23.50
N ASN B 54 -9.20 -19.46 24.37
CA ASN B 54 -8.52 -18.16 24.40
C ASN B 54 -7.01 -18.37 24.47
N PRO B 55 -6.31 -18.07 23.37
CA PRO B 55 -4.85 -18.28 23.32
C PRO B 55 -4.10 -17.37 24.29
N ASN B 56 -4.76 -16.33 24.78
CA ASN B 56 -4.17 -15.46 25.80
C ASN B 56 -4.10 -16.16 27.15
N GLY B 57 -4.85 -17.24 27.31
CA GLY B 57 -4.83 -17.99 28.54
C GLY B 57 -5.33 -17.17 29.73
N ARG B 58 -6.37 -16.37 29.49
CA ARG B 58 -7.01 -15.62 30.57
C ARG B 58 -8.52 -15.73 30.45
N VAL B 59 -9.21 -15.53 31.57
CA VAL B 59 -10.66 -15.56 31.59
C VAL B 59 -11.17 -14.12 31.70
N PRO B 60 -12.38 -13.83 31.22
CA PRO B 60 -13.38 -14.77 30.67
C PRO B 60 -13.34 -14.96 29.16
N ALA B 61 -14.11 -15.94 28.70
CA ALA B 61 -14.36 -16.17 27.29
C ALA B 61 -15.78 -16.66 27.17
N LEU B 62 -16.38 -16.47 25.99
CA LEU B 62 -17.78 -16.78 25.79
C LEU B 62 -17.96 -17.64 24.55
N ILE B 63 -18.79 -18.67 24.64
CA ILE B 63 -19.22 -19.43 23.47
C ILE B 63 -20.73 -19.30 23.31
N ASP B 64 -21.15 -18.90 22.12
CA ASP B 64 -22.57 -18.73 21.82
C ASP B 64 -23.05 -19.98 21.08
N HIS B 65 -23.73 -20.86 21.79
CA HIS B 65 -24.15 -22.14 21.23
C HIS B 65 -25.25 -22.01 20.17
N LYS B 66 -25.94 -20.89 20.14
CA LYS B 66 -26.95 -20.66 19.11
C LYS B 66 -26.35 -20.06 17.83
N ASN B 67 -25.09 -19.65 17.91
CA ASN B 67 -24.43 -19.03 16.76
C ASN B 67 -23.22 -19.87 16.29
N ASN B 68 -23.47 -21.16 16.09
CA ASN B 68 -22.43 -22.09 15.63
C ASN B 68 -21.20 -22.10 16.54
N ASN B 69 -21.45 -22.00 17.84
CA ASN B 69 -20.40 -21.97 18.85
C ASN B 69 -19.36 -20.90 18.57
N TYR B 70 -19.82 -19.77 18.05
CA TYR B 70 -18.95 -18.60 17.90
C TYR B 70 -18.33 -18.29 19.24
N THR B 71 -17.01 -18.12 19.25
CA THR B 71 -16.26 -17.95 20.49
C THR B 71 -15.56 -16.60 20.50
N VAL B 72 -15.66 -15.90 21.62
CA VAL B 72 -15.04 -14.59 21.72
C VAL B 72 -14.48 -14.36 23.12
N TRP B 73 -13.33 -13.70 23.21
CA TRP B 73 -12.76 -13.38 24.51
C TRP B 73 -12.45 -11.88 24.60
N GLU B 74 -11.83 -11.47 25.70
CA GLU B 74 -11.78 -10.07 26.16
C GLU B 74 -13.16 -9.62 26.64
N SER B 75 -13.28 -9.40 27.95
CA SER B 75 -14.57 -9.14 28.59
C SER B 75 -15.39 -8.03 27.92
N ASN B 76 -14.73 -6.97 27.48
CA ASN B 76 -15.47 -5.87 26.85
C ASN B 76 -15.82 -6.11 25.37
N ALA B 77 -15.08 -6.97 24.71
CA ALA B 77 -15.46 -7.41 23.37
C ALA B 77 -16.64 -8.39 23.47
N VAL B 78 -16.58 -9.25 24.47
CA VAL B 78 -17.67 -10.17 24.78
C VAL B 78 -18.94 -9.37 25.07
N THR B 79 -18.77 -8.32 25.89
CA THR B 79 -19.87 -7.44 26.24
C THR B 79 -20.48 -6.80 25.00
N GLN B 80 -19.64 -6.33 24.09
CA GLN B 80 -20.13 -5.64 22.92
C GLN B 80 -20.89 -6.60 22.03
N TYR B 81 -20.37 -7.82 21.90
CA TYR B 81 -21.04 -8.86 21.12
C TYR B 81 -22.44 -9.11 21.68
N LEU B 82 -22.53 -9.27 23.01
CA LEU B 82 -23.81 -9.54 23.65
C LEU B 82 -24.82 -8.41 23.43
N VAL B 83 -24.45 -7.17 23.71
CA VAL B 83 -25.43 -6.10 23.56
C VAL B 83 -25.75 -5.78 22.10
N ASP B 84 -24.78 -5.85 21.21
CA ASP B 84 -25.03 -5.52 19.81
C ASP B 84 -25.99 -6.52 19.17
N LYS B 85 -25.82 -7.80 19.49
CA LYS B 85 -26.65 -8.82 18.87
C LYS B 85 -27.92 -9.15 19.66
N TYR B 86 -27.87 -9.00 20.98
CA TYR B 86 -28.99 -9.44 21.81
C TYR B 86 -29.64 -8.38 22.70
N ASP B 87 -29.31 -7.11 22.49
CA ASP B 87 -30.02 -6.03 23.18
C ASP B 87 -30.78 -5.20 22.14
N ASN B 88 -31.67 -5.85 21.42
CA ASN B 88 -32.36 -5.17 20.32
C ASN B 88 -33.26 -4.03 20.79
N ASP B 89 -33.79 -4.14 22.00
CA ASP B 89 -34.61 -3.08 22.58
C ASP B 89 -33.76 -1.98 23.20
N ARG B 90 -32.45 -2.13 23.10
CA ARG B 90 -31.49 -1.15 23.65
C ARG B 90 -31.77 -0.83 25.12
N LYS B 91 -31.97 -1.87 25.92
CA LYS B 91 -32.22 -1.72 27.35
C LYS B 91 -31.00 -1.20 28.10
N ILE B 92 -29.81 -1.62 27.67
CA ILE B 92 -28.57 -1.28 28.37
C ILE B 92 -27.43 -0.92 27.43
N SER B 93 -27.77 -0.44 26.24
CA SER B 93 -26.75 -0.12 25.26
C SER B 93 -27.30 0.87 24.24
N VAL B 94 -26.40 1.60 23.58
CA VAL B 94 -26.81 2.49 22.50
C VAL B 94 -26.71 1.76 21.17
N ALA B 95 -27.38 2.29 20.16
CA ALA B 95 -27.47 1.61 18.86
C ALA B 95 -26.17 1.61 18.07
N PRO B 96 -25.79 0.44 17.53
CA PRO B 96 -24.70 0.39 16.55
C PRO B 96 -24.98 1.32 15.36
N GLY B 97 -23.93 1.81 14.71
CA GLY B 97 -24.08 2.67 13.55
C GLY B 97 -24.45 4.11 13.86
N THR B 98 -24.35 4.50 15.14
CA THR B 98 -24.59 5.89 15.52
C THR B 98 -23.34 6.49 16.16
N ASN B 99 -23.28 7.82 16.19
CA ASN B 99 -22.14 8.48 16.82
C ASN B 99 -22.01 8.10 18.28
N GLU B 100 -23.15 7.97 18.96
CA GLU B 100 -23.16 7.62 20.37
C GLU B 100 -22.48 6.28 20.66
N TYR B 101 -22.55 5.34 19.72
CA TYR B 101 -21.93 4.03 19.86
C TYR B 101 -20.43 4.14 20.15
N TYR B 102 -19.79 5.13 19.54
CA TYR B 102 -18.33 5.28 19.68
C TYR B 102 -17.97 6.02 20.96
N THR B 103 -18.90 6.78 21.49
CA THR B 103 -18.72 7.35 22.82
C THR B 103 -18.85 6.25 23.86
N GLN B 104 -19.81 5.35 23.65
CA GLN B 104 -19.93 4.15 24.50
C GLN B 104 -18.65 3.32 24.43
N LEU B 105 -18.14 3.16 23.21
CA LEU B 105 -16.93 2.37 22.99
C LEU B 105 -15.72 3.01 23.66
N GLN B 106 -15.64 4.33 23.53
CA GLN B 106 -14.62 5.10 24.22
C GLN B 106 -14.58 4.80 25.72
N TRP B 107 -15.74 4.81 26.37
CA TRP B 107 -15.79 4.57 27.81
C TRP B 107 -15.46 3.12 28.16
N LEU B 108 -15.84 2.19 27.28
CA LEU B 108 -15.50 0.79 27.50
C LEU B 108 -13.99 0.56 27.33
N TYR B 109 -13.37 1.30 26.42
CA TYR B 109 -11.93 1.23 26.27
C TYR B 109 -11.21 1.88 27.45
N PHE B 110 -11.79 2.94 27.99
CA PHE B 110 -11.21 3.57 29.18
C PHE B 110 -11.25 2.57 30.34
N GLN B 111 -12.35 1.85 30.48
CA GLN B 111 -12.45 0.81 31.50
C GLN B 111 -11.39 -0.26 31.27
N ALA B 112 -11.32 -0.77 30.05
CA ALA B 112 -10.48 -1.93 29.77
C ALA B 112 -8.98 -1.63 29.78
N SER B 113 -8.60 -0.40 29.45
CA SER B 113 -7.20 -0.04 29.32
C SER B 113 -6.73 0.93 30.41
N GLY B 114 -7.67 1.63 31.02
CA GLY B 114 -7.34 2.65 32.00
C GLY B 114 -7.69 2.28 33.43
N GLN B 115 -8.76 1.52 33.61
CA GLN B 115 -9.14 1.09 34.97
C GLN B 115 -8.56 -0.28 35.29
N GLY B 116 -9.08 -1.31 34.65
CA GLY B 116 -8.67 -2.69 34.91
C GLY B 116 -7.19 -2.96 35.08
N PRO B 117 -6.37 -2.65 34.05
CA PRO B 117 -4.96 -3.02 34.16
C PRO B 117 -4.24 -2.27 35.28
N TYR B 118 -4.57 -1.00 35.47
CA TYR B 118 -3.92 -0.21 36.52
C TYR B 118 -4.37 -0.62 37.92
N TYR B 119 -5.67 -0.84 38.10
CA TYR B 119 -6.16 -1.32 39.40
C TYR B 119 -5.54 -2.68 39.66
N GLY B 120 -5.41 -3.47 38.60
CA GLY B 120 -4.84 -4.79 38.68
C GLY B 120 -3.40 -4.79 39.14
N GLN B 121 -2.66 -3.72 38.82
CA GLN B 121 -1.27 -3.64 39.28
C GLN B 121 -1.21 -3.26 40.74
N ALA B 122 -2.17 -2.44 41.19
CA ALA B 122 -2.30 -2.18 42.62
C ALA B 122 -2.55 -3.49 43.34
N ALA B 123 -3.43 -4.30 42.78
CA ALA B 123 -3.74 -5.60 43.38
C ALA B 123 -2.50 -6.47 43.40
N TRP B 124 -1.74 -6.47 42.30
CA TRP B 124 -0.54 -7.29 42.22
C TRP B 124 0.50 -6.90 43.25
N PHE B 125 0.88 -5.63 43.29
CA PHE B 125 1.95 -5.21 44.20
C PHE B 125 1.55 -5.30 45.68
N SER B 126 0.27 -5.14 45.98
CA SER B 126 -0.19 -5.22 47.38
C SER B 126 -0.30 -6.65 47.90
N VAL B 127 -0.62 -7.58 47.01
CA VAL B 127 -0.97 -8.94 47.41
C VAL B 127 0.00 -10.02 46.93
N TYR B 128 0.41 -9.93 45.67
CA TYR B 128 1.07 -11.06 45.01
C TYR B 128 2.56 -10.92 44.73
N HIS B 129 3.05 -9.70 44.51
CA HIS B 129 4.47 -9.50 44.20
C HIS B 129 5.34 -10.04 45.33
N PRO B 130 6.44 -10.72 44.99
CA PRO B 130 7.25 -11.43 45.98
C PRO B 130 7.90 -10.54 47.02
N GLU B 131 8.05 -9.25 46.71
CA GLU B 131 8.55 -8.30 47.71
C GLU B 131 7.62 -7.10 47.80
N LYS B 132 7.63 -6.45 48.96
CA LYS B 132 6.83 -5.25 49.14
C LYS B 132 7.59 -4.06 48.60
N ILE B 133 6.95 -3.32 47.71
CA ILE B 133 7.57 -2.16 47.08
C ILE B 133 6.64 -0.96 47.28
N PRO B 134 6.86 -0.18 48.34
CA PRO B 134 5.99 0.95 48.69
C PRO B 134 5.79 1.93 47.53
N SER B 135 6.83 2.20 46.75
CA SER B 135 6.70 3.16 45.66
C SER B 135 5.80 2.61 44.54
N ALA B 136 5.78 1.29 44.38
CA ALA B 136 4.90 0.69 43.38
C ALA B 136 3.47 0.68 43.87
N ILE B 137 3.28 0.31 45.13
CA ILE B 137 1.97 0.34 45.76
C ILE B 137 1.37 1.76 45.70
N GLU B 138 2.22 2.75 45.96
CA GLU B 138 1.81 4.15 45.91
C GLU B 138 1.39 4.55 44.51
N ARG B 139 2.21 4.19 43.53
CA ARG B 139 1.96 4.52 42.13
C ARG B 139 0.56 4.11 41.67
N TYR B 140 0.18 2.87 41.95
CA TYR B 140 -1.12 2.40 41.46
C TYR B 140 -2.29 2.83 42.34
N ARG B 141 -2.03 3.06 43.62
CA ARG B 141 -3.04 3.67 44.47
C ARG B 141 -3.39 5.06 43.95
N ASN B 142 -2.37 5.83 43.58
CA ASN B 142 -2.58 7.15 43.00
C ASN B 142 -3.34 7.08 41.67
N GLU B 143 -3.06 6.06 40.88
CA GLU B 143 -3.72 5.92 39.59
C GLU B 143 -5.20 5.57 39.76
N ILE B 144 -5.50 4.79 40.79
CA ILE B 144 -6.90 4.47 41.11
C ILE B 144 -7.68 5.76 41.40
N LYS B 145 -7.10 6.62 42.22
CA LYS B 145 -7.74 7.87 42.57
C LYS B 145 -7.87 8.79 41.36
N ARG B 146 -6.90 8.73 40.46
CA ARG B 146 -6.95 9.54 39.25
C ARG B 146 -8.10 9.10 38.36
N VAL B 147 -8.22 7.79 38.19
CA VAL B 147 -9.29 7.22 37.37
C VAL B 147 -10.66 7.58 37.95
N LEU B 148 -10.79 7.48 39.27
CA LEU B 148 -12.03 7.88 39.94
C LEU B 148 -12.33 9.35 39.67
N GLY B 149 -11.29 10.18 39.63
CA GLY B 149 -11.43 11.59 39.33
C GLY B 149 -11.91 11.87 37.91
N VAL B 150 -11.50 11.03 36.97
CA VAL B 150 -11.97 11.15 35.60
C VAL B 150 -13.47 10.84 35.52
N LEU B 151 -13.87 9.75 36.17
CA LEU B 151 -15.28 9.40 36.28
C LEU B 151 -16.07 10.54 36.91
N GLU B 152 -15.55 11.06 38.03
CA GLU B 152 -16.21 12.14 38.76
C GLU B 152 -16.41 13.39 37.91
N SER B 153 -15.43 13.73 37.08
CA SER B 153 -15.49 14.94 36.27
C SER B 153 -16.62 14.88 35.24
N THR B 154 -16.94 13.67 34.78
CA THR B 154 -18.05 13.51 33.85
C THR B 154 -19.38 13.31 34.60
N LEU B 155 -19.37 12.49 35.64
CA LEU B 155 -20.60 12.16 36.36
C LEU B 155 -21.16 13.31 37.19
N SER B 156 -20.32 14.31 37.47
CA SER B 156 -20.78 15.50 38.18
C SER B 156 -21.48 16.44 37.21
N LYS B 157 -21.41 16.12 35.92
CA LYS B 157 -21.96 16.99 34.89
C LYS B 157 -23.14 16.36 34.16
N GLN B 158 -23.22 15.02 34.19
CA GLN B 158 -24.34 14.31 33.59
C GLN B 158 -24.61 13.01 34.33
N GLU B 159 -25.83 12.51 34.24
CA GLU B 159 -26.24 11.37 35.08
C GLU B 159 -25.54 10.07 34.70
N TRP B 160 -25.43 9.80 33.41
CA TRP B 160 -24.80 8.57 32.93
C TRP B 160 -23.66 8.89 31.95
N LEU B 161 -22.77 7.93 31.73
CA LEU B 161 -21.64 8.15 30.82
C LEU B 161 -22.08 8.39 29.38
N VAL B 162 -23.10 7.65 28.94
CA VAL B 162 -23.56 7.77 27.56
C VAL B 162 -25.03 7.34 27.42
N GLY B 163 -25.73 7.90 26.43
CA GLY B 163 -27.06 7.43 26.06
C GLY B 163 -28.20 7.91 26.95
N ASN B 164 -27.89 8.78 27.89
CA ASN B 164 -28.88 9.29 28.86
C ASN B 164 -29.66 8.17 29.54
N LYS B 165 -28.99 7.05 29.74
CA LYS B 165 -29.54 5.91 30.44
C LYS B 165 -28.35 5.10 30.92
N ALA B 166 -28.57 4.25 31.92
CA ALA B 166 -27.50 3.35 32.37
C ALA B 166 -27.22 2.37 31.25
N THR B 167 -25.94 2.21 30.92
CA THR B 167 -25.54 1.26 29.88
C THR B 167 -24.40 0.39 30.38
N VAL B 168 -24.00 -0.57 29.54
CA VAL B 168 -22.85 -1.42 29.85
C VAL B 168 -21.58 -0.58 30.05
N ALA B 169 -21.54 0.62 29.51
CA ALA B 169 -20.42 1.53 29.78
C ALA B 169 -20.34 1.83 31.26
N ASP B 170 -21.48 2.18 31.88
CA ASP B 170 -21.53 2.43 33.31
C ASP B 170 -21.26 1.16 34.10
N PHE B 171 -21.88 0.06 33.67
CA PHE B 171 -21.75 -1.22 34.36
C PHE B 171 -20.29 -1.65 34.43
N SER B 172 -19.53 -1.35 33.40
CA SER B 172 -18.20 -1.93 33.22
C SER B 172 -17.24 -1.61 34.36
N PHE B 173 -17.45 -0.48 35.03
CA PHE B 173 -16.53 -0.02 36.07
C PHE B 173 -16.79 -0.66 37.44
N LEU B 174 -17.95 -1.28 37.59
CA LEU B 174 -18.43 -1.75 38.91
C LEU B 174 -17.48 -2.68 39.67
N THR B 175 -17.06 -3.77 39.03
CA THR B 175 -16.35 -4.82 39.75
C THR B 175 -14.95 -4.38 40.21
N TRP B 176 -14.23 -3.66 39.35
CA TRP B 176 -12.93 -3.14 39.76
C TRP B 176 -13.05 -2.03 40.82
N ASN B 177 -14.07 -1.19 40.72
CA ASN B 177 -14.28 -0.15 41.75
C ASN B 177 -14.66 -0.75 43.09
N ASP B 178 -15.32 -1.90 43.08
CA ASP B 178 -15.67 -2.61 44.30
C ASP B 178 -14.38 -3.09 44.97
N ILE B 179 -13.51 -3.71 44.18
CA ILE B 179 -12.22 -4.20 44.67
C ILE B 179 -11.37 -3.03 45.19
N ALA B 180 -11.37 -1.93 44.46
CA ALA B 180 -10.62 -0.75 44.88
C ALA B 180 -11.10 -0.23 46.24
N ALA B 181 -12.41 -0.02 46.37
CA ALA B 181 -12.99 0.52 47.59
C ALA B 181 -12.86 -0.40 48.79
N ASN B 182 -13.02 -1.70 48.57
CA ASN B 182 -13.10 -2.63 49.68
C ASN B 182 -11.82 -3.41 49.99
N LEU B 183 -10.80 -3.26 49.15
CA LEU B 183 -9.54 -3.97 49.38
C LEU B 183 -8.29 -3.12 49.11
N LEU B 184 -8.24 -2.48 47.94
CA LEU B 184 -7.02 -1.83 47.48
C LEU B 184 -6.69 -0.51 48.17
N LEU B 185 -7.72 0.25 48.54
CA LEU B 185 -7.50 1.55 49.16
C LEU B 185 -7.65 1.49 50.68
N GLU B 186 -6.86 2.32 51.37
CA GLU B 186 -6.92 2.41 52.83
C GLU B 186 -7.54 3.73 53.25
N ASN B 187 -8.34 3.72 54.32
CA ASN B 187 -8.98 4.93 54.84
C ASN B 187 -9.70 5.70 53.75
N PHE B 188 -10.44 4.97 52.93
CA PHE B 188 -11.10 5.54 51.76
C PHE B 188 -12.58 5.79 52.05
N ARG B 189 -13.04 7.00 51.76
CA ARG B 189 -14.44 7.34 51.91
C ARG B 189 -15.01 7.75 50.56
N PHE B 190 -15.57 6.76 49.86
CA PHE B 190 -16.05 6.91 48.48
C PHE B 190 -17.00 8.10 48.36
N GLU B 191 -18.00 8.14 49.24
CA GLU B 191 -19.06 9.14 49.15
C GLU B 191 -18.55 10.57 49.39
N GLU B 192 -17.50 10.71 50.20
CA GLU B 192 -16.94 12.02 50.47
C GLU B 192 -16.00 12.47 49.36
N GLU B 193 -15.14 11.55 48.92
CA GLU B 193 -14.09 11.87 47.96
C GLU B 193 -14.58 12.00 46.52
N PHE B 194 -15.50 11.13 46.12
CA PHE B 194 -16.05 11.16 44.78
C PHE B 194 -17.57 10.99 44.84
N PRO B 195 -18.27 12.03 45.29
CA PRO B 195 -19.71 11.94 45.58
C PRO B 195 -20.57 11.52 44.40
N ALA B 196 -20.33 12.10 43.22
CA ALA B 196 -21.14 11.78 42.05
C ALA B 196 -20.91 10.33 41.64
N THR B 197 -19.66 9.90 41.71
CA THR B 197 -19.29 8.55 41.33
C THR B 197 -19.83 7.53 42.32
N ALA B 198 -19.79 7.86 43.60
CA ALA B 198 -20.28 6.96 44.64
C ALA B 198 -21.79 6.73 44.51
N LYS B 199 -22.50 7.80 44.19
CA LYS B 199 -23.94 7.76 44.04
C LYS B 199 -24.36 6.99 42.79
N TRP B 200 -23.58 7.17 41.73
CA TRP B 200 -23.69 6.44 40.47
C TRP B 200 -23.54 4.95 40.73
N ASN B 201 -22.46 4.62 41.43
CA ASN B 201 -22.16 3.25 41.84
C ASN B 201 -23.32 2.64 42.64
N LYS B 202 -23.82 3.40 43.62
CA LYS B 202 -24.93 2.94 44.47
C LYS B 202 -26.18 2.62 43.67
N LYS B 203 -26.58 3.52 42.77
CA LYS B 203 -27.76 3.30 41.94
C LYS B 203 -27.65 2.07 41.07
N LEU B 204 -26.49 1.92 40.44
CA LEU B 204 -26.26 0.79 39.55
C LEU B 204 -26.41 -0.52 40.31
N LEU B 205 -25.86 -0.57 41.51
CA LEU B 205 -25.92 -1.78 42.33
C LEU B 205 -27.33 -2.07 42.80
N GLU B 206 -28.21 -1.07 42.72
CA GLU B 206 -29.61 -1.25 43.09
C GLU B 206 -30.47 -1.80 41.96
N ARG B 207 -29.95 -1.81 40.74
CA ARG B 207 -30.64 -2.47 39.64
C ARG B 207 -30.85 -3.94 39.99
N PRO B 208 -32.08 -4.44 39.82
CA PRO B 208 -32.46 -5.81 40.20
C PRO B 208 -31.51 -6.88 39.66
N ALA B 209 -31.17 -6.82 38.38
CA ALA B 209 -30.30 -7.82 37.78
C ALA B 209 -28.88 -7.73 38.36
N ILE B 210 -28.38 -6.52 38.51
CA ILE B 210 -27.06 -6.31 39.08
C ILE B 210 -27.01 -6.73 40.55
N ALA B 211 -28.02 -6.35 41.32
CA ALA B 211 -28.08 -6.70 42.74
C ALA B 211 -28.11 -8.22 42.93
N LYS B 212 -28.82 -8.91 42.05
CA LYS B 212 -28.91 -10.36 42.07
C LYS B 212 -27.52 -10.99 41.88
N VAL B 213 -26.79 -10.50 40.88
CA VAL B 213 -25.43 -10.98 40.63
C VAL B 213 -24.49 -10.60 41.77
N TRP B 214 -24.67 -9.40 42.31
CA TRP B 214 -23.84 -8.92 43.41
C TRP B 214 -23.99 -9.82 44.63
N GLU B 215 -25.18 -10.38 44.81
CA GLU B 215 -25.44 -11.31 45.91
C GLU B 215 -24.74 -12.63 45.64
N GLU B 216 -24.73 -13.04 44.36
CA GLU B 216 -24.01 -14.24 43.94
C GLU B 216 -22.52 -14.06 44.20
N LYS B 217 -21.99 -12.91 43.78
CA LYS B 217 -20.58 -12.60 43.97
C LYS B 217 -20.18 -12.68 45.44
N ALA B 218 -21.04 -12.14 46.30
CA ALA B 218 -20.80 -12.18 47.73
C ALA B 218 -20.75 -13.61 48.24
N LYS B 219 -21.65 -14.46 47.74
CA LYS B 219 -21.71 -15.86 48.12
C LYS B 219 -20.48 -16.64 47.64
N ALA B 220 -19.95 -16.23 46.49
CA ALA B 220 -18.69 -16.79 46.01
C ALA B 220 -17.50 -16.22 46.78
N ALA B 221 -16.31 -16.76 46.51
CA ALA B 221 -15.04 -16.36 47.14
C ALA B 221 -15.12 -15.84 48.57
N GLY C 5 34.86 20.44 -24.62
CA GLY C 5 34.06 21.64 -24.72
C GLY C 5 32.71 21.36 -25.34
N LYS C 6 32.57 20.19 -25.95
CA LYS C 6 31.29 19.77 -26.50
C LYS C 6 30.34 19.49 -25.35
N GLN C 7 29.10 19.97 -25.45
CA GLN C 7 28.16 19.83 -24.34
C GLN C 7 27.83 18.37 -24.03
N PHE C 8 27.68 17.57 -25.08
CA PHE C 8 27.25 16.19 -24.90
C PHE C 8 28.28 15.19 -25.38
N THR C 9 28.24 14.00 -24.79
CA THR C 9 28.86 12.84 -25.40
C THR C 9 27.74 11.91 -25.81
N LEU C 10 27.79 11.44 -27.05
CA LEU C 10 26.79 10.50 -27.55
C LEU C 10 27.47 9.16 -27.80
N TYR C 11 27.11 8.16 -27.00
CA TYR C 11 27.63 6.82 -27.20
C TYR C 11 26.78 6.15 -28.26
N THR C 12 27.42 5.72 -29.34
CA THR C 12 26.69 5.28 -30.51
C THR C 12 27.52 4.30 -31.31
N HIS C 13 27.13 4.12 -32.57
CA HIS C 13 27.94 3.39 -33.54
C HIS C 13 27.47 3.73 -34.96
N ASN C 14 28.24 3.29 -35.96
CA ASN C 14 27.99 3.64 -37.35
C ASN C 14 26.68 3.04 -37.90
N SER C 15 26.57 1.73 -37.83
CA SER C 15 25.47 1.02 -38.47
C SER C 15 24.28 0.84 -37.55
N GLY C 16 23.67 1.94 -37.12
CA GLY C 16 22.52 1.83 -36.23
C GLY C 16 21.53 2.98 -36.30
N PRO C 17 20.24 2.65 -36.42
CA PRO C 17 19.17 3.63 -36.60
C PRO C 17 18.96 4.58 -35.42
N ASN C 18 19.01 4.09 -34.19
CA ASN C 18 18.67 4.92 -33.03
C ASN C 18 19.69 6.02 -32.69
N GLY C 19 20.96 5.76 -32.98
CA GLY C 19 22.00 6.74 -32.73
C GLY C 19 21.88 7.91 -33.69
N TRP C 20 21.65 7.59 -34.96
CA TRP C 20 21.47 8.63 -35.98
C TRP C 20 20.20 9.43 -35.68
N LYS C 21 19.18 8.75 -35.14
CA LYS C 21 17.96 9.42 -34.72
C LYS C 21 18.26 10.51 -33.68
N VAL C 22 19.11 10.20 -32.71
CA VAL C 22 19.48 11.18 -31.70
C VAL C 22 20.36 12.28 -32.31
N ALA C 23 21.23 11.91 -33.24
CA ALA C 23 22.10 12.87 -33.90
C ALA C 23 21.28 13.92 -34.63
N ILE C 24 20.19 13.49 -35.24
CA ILE C 24 19.26 14.38 -35.90
C ILE C 24 18.70 15.42 -34.92
N VAL C 25 18.29 14.97 -33.74
CA VAL C 25 17.78 15.89 -32.73
C VAL C 25 18.84 16.90 -32.33
N LEU C 26 20.07 16.43 -32.10
CA LEU C 26 21.16 17.29 -31.68
C LEU C 26 21.51 18.34 -32.75
N GLU C 27 21.50 17.92 -34.01
CA GLU C 27 21.80 18.83 -35.12
C GLU C 27 20.69 19.85 -35.33
N GLU C 28 19.45 19.39 -35.25
CA GLU C 28 18.28 20.27 -35.35
C GLU C 28 18.27 21.31 -34.23
N LEU C 29 18.82 20.97 -33.07
CA LEU C 29 18.87 21.89 -31.94
C LEU C 29 20.18 22.70 -31.89
N GLY C 30 21.09 22.42 -32.81
CA GLY C 30 22.36 23.13 -32.87
C GLY C 30 23.22 22.89 -31.64
N LEU C 31 23.07 21.69 -31.05
CA LEU C 31 23.79 21.35 -29.84
C LEU C 31 25.11 20.64 -30.17
N SER C 32 26.18 21.02 -29.46
CA SER C 32 27.49 20.42 -29.71
C SER C 32 27.63 19.08 -29.00
N TYR C 33 28.23 18.11 -29.67
CA TYR C 33 28.39 16.78 -29.08
C TYR C 33 29.58 16.01 -29.67
N GLU C 34 30.14 15.13 -28.84
CA GLU C 34 31.20 14.25 -29.28
C GLU C 34 30.64 12.83 -29.42
N PRO C 35 30.68 12.29 -30.64
CA PRO C 35 30.26 10.90 -30.87
C PRO C 35 31.31 9.93 -30.35
N VAL C 36 30.88 8.93 -29.58
CA VAL C 36 31.77 7.84 -29.21
C VAL C 36 31.24 6.55 -29.82
N PHE C 37 31.94 6.05 -30.83
CA PHE C 37 31.50 4.88 -31.55
C PHE C 37 32.00 3.61 -30.86
N LEU C 38 31.08 2.84 -30.28
CA LEU C 38 31.43 1.58 -29.66
C LEU C 38 31.55 0.49 -30.72
N ASP C 39 32.45 -0.45 -30.50
CA ASP C 39 32.62 -1.58 -31.41
C ASP C 39 31.79 -2.75 -30.88
N LEU C 40 30.61 -2.92 -31.45
CA LEU C 40 29.68 -3.95 -30.98
C LEU C 40 30.18 -5.36 -31.28
N MET C 41 30.92 -5.51 -32.38
CA MET C 41 31.48 -6.80 -32.73
C MET C 41 32.55 -7.22 -31.74
N LYS C 42 33.24 -6.25 -31.14
CA LYS C 42 34.25 -6.54 -30.14
C LYS C 42 33.67 -6.55 -28.72
N GLY C 43 32.35 -6.41 -28.62
CA GLY C 43 31.66 -6.49 -27.35
C GLY C 43 31.89 -5.33 -26.39
N GLU C 44 32.27 -4.18 -26.93
CA GLU C 44 32.56 -3.01 -26.11
C GLU C 44 31.32 -2.55 -25.34
N HIS C 45 30.16 -2.71 -25.96
CA HIS C 45 28.91 -2.31 -25.33
C HIS C 45 28.50 -3.23 -24.19
N LYS C 46 29.18 -4.36 -24.06
CA LYS C 46 28.89 -5.29 -22.97
C LYS C 46 30.00 -5.29 -21.92
N ALA C 47 31.02 -4.48 -22.14
CA ALA C 47 32.14 -4.36 -21.22
C ALA C 47 31.73 -3.57 -19.97
N PRO C 48 32.33 -3.90 -18.81
CA PRO C 48 31.99 -3.28 -17.51
C PRO C 48 31.93 -1.76 -17.57
N GLU C 49 32.83 -1.16 -18.36
CA GLU C 49 32.92 0.29 -18.45
C GLU C 49 31.66 0.92 -19.05
N TYR C 50 31.14 0.37 -20.14
CA TYR C 50 29.94 0.93 -20.75
C TYR C 50 28.68 0.55 -19.97
N LEU C 51 28.73 -0.59 -19.29
CA LEU C 51 27.61 -1.03 -18.47
C LEU C 51 27.33 -0.02 -17.36
N LYS C 52 28.36 0.72 -16.94
CA LYS C 52 28.21 1.80 -15.98
C LYS C 52 27.33 2.91 -16.54
N ILE C 53 27.39 3.10 -17.86
CA ILE C 53 26.64 4.14 -18.53
C ILE C 53 25.22 3.65 -18.88
N ASN C 54 25.14 2.49 -19.51
CA ASN C 54 23.85 1.86 -19.77
C ASN C 54 23.93 0.37 -19.43
N PRO C 55 23.30 -0.02 -18.32
CA PRO C 55 23.33 -1.42 -17.85
C PRO C 55 22.62 -2.35 -18.82
N ASN C 56 21.79 -1.80 -19.71
CA ASN C 56 21.15 -2.59 -20.75
C ASN C 56 22.16 -3.05 -21.79
N GLY C 57 23.32 -2.39 -21.82
CA GLY C 57 24.36 -2.75 -22.75
C GLY C 57 23.95 -2.55 -24.19
N ARG C 58 23.22 -1.46 -24.46
N ARG C 58 23.23 -1.46 -24.45
CA ARG C 58 22.86 -1.09 -25.81
CA ARG C 58 22.85 -1.09 -25.82
C ARG C 58 23.15 0.38 -26.07
C ARG C 58 23.11 0.39 -26.08
N VAL C 59 23.29 0.74 -27.34
CA VAL C 59 23.47 2.14 -27.73
C VAL C 59 22.16 2.64 -28.35
N PRO C 60 21.89 3.96 -28.26
CA PRO C 60 22.76 5.01 -27.74
C PRO C 60 22.54 5.40 -26.28
N ALA C 61 23.45 6.24 -25.79
CA ALA C 61 23.35 6.84 -24.47
C ALA C 61 23.90 8.26 -24.56
N LEU C 62 23.41 9.14 -23.70
CA LEU C 62 23.76 10.56 -23.74
C LEU C 62 24.24 11.03 -22.37
N ILE C 63 25.35 11.75 -22.37
CA ILE C 63 25.82 12.41 -21.17
C ILE C 63 25.84 13.91 -21.41
N ASP C 64 25.18 14.67 -20.54
CA ASP C 64 25.10 16.12 -20.65
C ASP C 64 26.14 16.76 -19.74
N HIS C 65 27.26 17.19 -20.32
CA HIS C 65 28.37 17.74 -19.54
C HIS C 65 28.07 19.12 -18.94
N LYS C 66 27.01 19.78 -19.40
CA LYS C 66 26.62 21.05 -18.79
C LYS C 66 25.64 20.85 -17.65
N ASN C 67 25.22 19.61 -17.45
CA ASN C 67 24.25 19.27 -16.40
C ASN C 67 24.84 18.25 -15.42
N ASN C 68 26.07 18.52 -14.97
CA ASN C 68 26.78 17.61 -14.07
C ASN C 68 26.84 16.17 -14.56
N ASN C 69 27.05 16.02 -15.87
CA ASN C 69 27.13 14.71 -16.51
C ASN C 69 25.89 13.86 -16.29
N TYR C 70 24.72 14.49 -16.27
CA TYR C 70 23.49 13.72 -16.19
C TYR C 70 23.46 12.75 -17.36
N THR C 71 23.18 11.48 -17.06
CA THR C 71 23.26 10.43 -18.07
C THR C 71 21.91 9.77 -18.30
N VAL C 72 21.56 9.57 -19.56
CA VAL C 72 20.27 8.96 -19.89
C VAL C 72 20.42 8.09 -21.13
N TRP C 73 19.73 6.95 -21.13
CA TRP C 73 19.71 6.08 -22.29
C TRP C 73 18.27 5.78 -22.72
N GLU C 74 18.13 4.93 -23.73
CA GLU C 74 16.88 4.80 -24.52
C GLU C 74 16.70 6.03 -25.42
N SER C 75 16.87 5.81 -26.72
CA SER C 75 16.92 6.90 -27.70
C SER C 75 15.76 7.89 -27.62
N ASN C 76 14.56 7.39 -27.34
CA ASN C 76 13.40 8.30 -27.26
C ASN C 76 13.28 9.02 -25.92
N ALA C 77 13.89 8.47 -24.88
CA ALA C 77 13.98 9.19 -23.61
C ALA C 77 15.06 10.28 -23.73
N VAL C 78 16.16 9.92 -24.39
CA VAL C 78 17.21 10.87 -24.71
C VAL C 78 16.64 12.04 -25.52
N THR C 79 15.86 11.70 -26.53
CA THR C 79 15.21 12.70 -27.37
C THR C 79 14.33 13.63 -26.56
N GLN C 80 13.52 13.07 -25.65
CA GLN C 80 12.60 13.87 -24.85
C GLN C 80 13.36 14.81 -23.93
N TYR C 81 14.45 14.31 -23.35
CA TYR C 81 15.32 15.14 -22.52
C TYR C 81 15.84 16.33 -23.34
N LEU C 82 16.38 16.05 -24.52
CA LEU C 82 16.95 17.10 -25.36
C LEU C 82 15.94 18.18 -25.76
N VAL C 83 14.76 17.78 -26.21
CA VAL C 83 13.77 18.77 -26.63
C VAL C 83 13.10 19.51 -25.46
N ASP C 84 12.82 18.80 -24.36
CA ASP C 84 12.17 19.44 -23.22
C ASP C 84 13.06 20.50 -22.58
N LYS C 85 14.36 20.23 -22.51
CA LYS C 85 15.28 21.14 -21.85
C LYS C 85 15.94 22.14 -22.79
N TYR C 86 16.12 21.76 -24.05
CA TYR C 86 16.91 22.58 -24.97
C TYR C 86 16.22 23.01 -26.27
N ASP C 87 14.92 22.74 -26.40
CA ASP C 87 14.14 23.27 -27.51
C ASP C 87 13.12 24.29 -26.97
N ASN C 88 13.62 25.31 -26.29
CA ASN C 88 12.76 26.31 -25.67
C ASN C 88 11.99 27.11 -26.71
N ASP C 89 12.55 27.24 -27.91
CA ASP C 89 11.87 27.92 -29.00
C ASP C 89 10.85 27.00 -29.70
N ARG C 90 10.77 25.76 -29.23
CA ARG C 90 9.80 24.79 -29.75
C ARG C 90 9.90 24.61 -31.26
N LYS C 91 11.12 24.47 -31.76
CA LYS C 91 11.35 24.34 -33.20
C LYS C 91 10.94 22.97 -33.73
N ILE C 92 11.10 21.94 -32.89
CA ILE C 92 10.85 20.56 -33.31
C ILE C 92 10.10 19.76 -32.25
N SER C 93 9.35 20.45 -31.40
CA SER C 93 8.64 19.78 -30.32
C SER C 93 7.49 20.65 -29.82
N VAL C 94 6.48 20.03 -29.22
CA VAL C 94 5.40 20.76 -28.58
C VAL C 94 5.74 20.99 -27.11
N ALA C 95 4.99 21.86 -26.45
CA ALA C 95 5.29 22.24 -25.07
C ALA C 95 4.90 21.16 -24.07
N PRO C 96 5.78 20.87 -23.11
CA PRO C 96 5.42 20.03 -21.97
C PRO C 96 4.21 20.59 -21.24
N GLY C 97 3.46 19.73 -20.58
CA GLY C 97 2.30 20.16 -19.81
C GLY C 97 1.09 20.55 -20.65
N THR C 98 1.06 20.08 -21.89
CA THR C 98 -0.11 20.28 -22.75
C THR C 98 -0.65 18.92 -23.17
N ASN C 99 -1.91 18.87 -23.60
CA ASN C 99 -2.46 17.63 -24.14
C ASN C 99 -1.62 17.14 -25.31
N GLU C 100 -1.19 18.07 -26.16
CA GLU C 100 -0.38 17.76 -27.34
C GLU C 100 0.89 16.99 -27.00
N TYR C 101 1.47 17.30 -25.85
CA TYR C 101 2.70 16.65 -25.42
C TYR C 101 2.52 15.15 -25.27
N TYR C 102 1.34 14.73 -24.79
CA TYR C 102 1.10 13.31 -24.59
C TYR C 102 0.69 12.60 -25.86
N THR C 103 0.19 13.36 -26.84
CA THR C 103 0.01 12.83 -28.19
C THR C 103 1.37 12.66 -28.88
N GLN C 104 2.25 13.64 -28.71
CA GLN C 104 3.62 13.53 -29.16
C GLN C 104 4.29 12.30 -28.54
N LEU C 105 4.06 12.10 -27.24
CA LEU C 105 4.66 10.99 -26.50
C LEU C 105 4.12 9.65 -26.98
N GLN C 106 2.81 9.61 -27.22
CA GLN C 106 2.15 8.43 -27.76
C GLN C 106 2.80 7.98 -29.07
N TRP C 107 3.04 8.90 -29.99
CA TRP C 107 3.68 8.53 -31.25
C TRP C 107 5.13 8.09 -31.04
N LEU C 108 5.82 8.71 -30.10
CA LEU C 108 7.19 8.29 -29.77
C LEU C 108 7.22 6.88 -29.19
N TYR C 109 6.22 6.53 -28.39
CA TYR C 109 6.12 5.16 -27.89
C TYR C 109 5.73 4.18 -28.99
N PHE C 110 4.90 4.62 -29.93
CA PHE C 110 4.58 3.77 -31.07
C PHE C 110 5.85 3.47 -31.85
N GLN C 111 6.68 4.49 -32.06
CA GLN C 111 7.96 4.28 -32.71
C GLN C 111 8.81 3.29 -31.91
N ALA C 112 8.95 3.55 -30.62
CA ALA C 112 9.88 2.78 -29.80
C ALA C 112 9.46 1.33 -29.55
N SER C 113 8.15 1.07 -29.52
CA SER C 113 7.65 -0.26 -29.18
C SER C 113 6.96 -0.95 -30.35
N GLY C 114 6.54 -0.16 -31.33
CA GLY C 114 5.80 -0.70 -32.46
C GLY C 114 6.60 -0.76 -33.75
N GLN C 115 7.50 0.21 -33.94
CA GLN C 115 8.34 0.21 -35.13
C GLN C 115 9.68 -0.50 -34.86
N GLY C 116 10.53 0.12 -34.06
CA GLY C 116 11.86 -0.37 -33.80
C GLY C 116 12.01 -1.87 -33.56
N PRO C 117 11.37 -2.39 -32.51
CA PRO C 117 11.58 -3.80 -32.15
C PRO C 117 11.15 -4.76 -33.25
N TYR C 118 10.00 -4.50 -33.87
CA TYR C 118 9.49 -5.38 -34.91
C TYR C 118 10.31 -5.32 -36.19
N TYR C 119 10.69 -4.12 -36.61
CA TYR C 119 11.58 -3.96 -37.76
C TYR C 119 12.90 -4.66 -37.45
N GLY C 120 13.33 -4.56 -36.19
CA GLY C 120 14.57 -5.17 -35.74
C GLY C 120 14.55 -6.68 -35.86
N GLN C 121 13.36 -7.28 -35.74
CA GLN C 121 13.25 -8.73 -35.87
C GLN C 121 13.25 -9.14 -37.34
N ALA C 122 12.70 -8.27 -38.20
CA ALA C 122 12.81 -8.47 -39.64
C ALA C 122 14.30 -8.50 -39.99
N ALA C 123 15.04 -7.51 -39.49
CA ALA C 123 16.47 -7.44 -39.68
C ALA C 123 17.13 -8.73 -39.22
N TRP C 124 16.78 -9.19 -38.03
CA TRP C 124 17.38 -10.39 -37.47
C TRP C 124 17.16 -11.63 -38.33
N PHE C 125 15.91 -11.95 -38.63
CA PHE C 125 15.60 -13.16 -39.39
C PHE C 125 16.05 -13.10 -40.85
N SER C 126 16.05 -11.91 -41.43
CA SER C 126 16.48 -11.75 -42.82
C SER C 126 18.00 -11.73 -42.98
N VAL C 127 18.72 -11.37 -41.93
CA VAL C 127 20.16 -11.17 -42.05
C VAL C 127 21.00 -12.04 -41.12
N TYR C 128 20.65 -12.05 -39.83
CA TYR C 128 21.54 -12.57 -38.80
C TYR C 128 21.20 -13.95 -38.24
N HIS C 129 19.93 -14.34 -38.29
CA HIS C 129 19.55 -15.65 -37.78
C HIS C 129 20.26 -16.73 -38.58
N PRO C 130 20.75 -17.77 -37.89
CA PRO C 130 21.58 -18.81 -38.51
C PRO C 130 20.88 -19.51 -39.67
N GLU C 131 19.59 -19.79 -39.50
CA GLU C 131 18.81 -20.46 -40.54
C GLU C 131 17.84 -19.47 -41.17
N LYS C 132 17.55 -19.66 -42.46
CA LYS C 132 16.52 -18.89 -43.12
C LYS C 132 15.16 -19.51 -42.83
N ILE C 133 14.27 -18.71 -42.25
CA ILE C 133 12.98 -19.21 -41.82
C ILE C 133 11.86 -18.36 -42.44
N PRO C 134 11.29 -18.84 -43.54
CA PRO C 134 10.31 -18.07 -44.33
C PRO C 134 9.15 -17.52 -43.50
N SER C 135 8.58 -18.32 -42.61
CA SER C 135 7.42 -17.87 -41.83
C SER C 135 7.78 -16.74 -40.87
N ALA C 136 9.02 -16.74 -40.40
CA ALA C 136 9.48 -15.69 -39.50
C ALA C 136 9.77 -14.40 -40.26
N ILE C 137 10.42 -14.55 -41.41
CA ILE C 137 10.69 -13.42 -42.30
C ILE C 137 9.37 -12.77 -42.72
N GLU C 138 8.40 -13.61 -43.09
CA GLU C 138 7.09 -13.11 -43.48
C GLU C 138 6.41 -12.35 -42.35
N ARG C 139 6.50 -12.92 -41.15
CA ARG C 139 5.89 -12.32 -39.96
C ARG C 139 6.28 -10.86 -39.82
N TYR C 140 7.57 -10.58 -39.85
CA TYR C 140 8.03 -9.23 -39.59
C TYR C 140 7.95 -8.31 -40.81
N ARG C 141 7.96 -8.89 -42.01
CA ARG C 141 7.69 -8.09 -43.20
C ARG C 141 6.25 -7.59 -43.16
N ASN C 142 5.33 -8.48 -42.81
CA ASN C 142 3.92 -8.09 -42.65
C ASN C 142 3.78 -6.99 -41.60
N GLU C 143 4.52 -7.12 -40.51
CA GLU C 143 4.39 -6.14 -39.43
C GLU C 143 4.93 -4.78 -39.86
N ILE C 144 6.02 -4.77 -40.61
CA ILE C 144 6.52 -3.53 -41.19
C ILE C 144 5.43 -2.83 -42.00
N LYS C 145 4.79 -3.57 -42.90
CA LYS C 145 3.75 -3.00 -43.75
C LYS C 145 2.57 -2.52 -42.92
N ARG C 146 2.29 -3.22 -41.83
CA ARG C 146 1.18 -2.84 -40.97
C ARG C 146 1.47 -1.52 -40.30
N VAL C 147 2.69 -1.37 -39.79
CA VAL C 147 3.12 -0.12 -39.14
C VAL C 147 3.07 1.05 -40.13
N LEU C 148 3.57 0.84 -41.34
CA LEU C 148 3.47 1.86 -42.38
C LEU C 148 2.01 2.23 -42.63
N GLY C 149 1.13 1.23 -42.56
CA GLY C 149 -0.29 1.47 -42.73
C GLY C 149 -0.88 2.34 -41.63
N VAL C 150 -0.38 2.19 -40.41
CA VAL C 150 -0.84 3.01 -39.29
C VAL C 150 -0.46 4.46 -39.54
N LEU C 151 0.79 4.67 -39.93
CA LEU C 151 1.29 6.00 -40.25
C LEU C 151 0.46 6.61 -41.38
N GLU C 152 0.24 5.82 -42.42
CA GLU C 152 -0.53 6.27 -43.57
C GLU C 152 -1.93 6.70 -43.18
N SER C 153 -2.57 5.95 -42.28
CA SER C 153 -3.94 6.25 -41.89
C SER C 153 -4.05 7.63 -41.26
N THR C 154 -3.02 8.03 -40.54
CA THR C 154 -3.00 9.36 -39.92
C THR C 154 -2.51 10.43 -40.88
N LEU C 155 -1.41 10.16 -41.56
CA LEU C 155 -0.78 11.14 -42.44
C LEU C 155 -1.60 11.46 -43.69
N SER C 156 -2.55 10.60 -44.02
CA SER C 156 -3.41 10.85 -45.16
C SER C 156 -4.54 11.81 -44.79
N LYS C 157 -4.66 12.10 -43.50
CA LYS C 157 -5.72 12.98 -43.00
C LYS C 157 -5.16 14.29 -42.42
N GLN C 158 -3.87 14.29 -42.09
CA GLN C 158 -3.21 15.48 -41.54
C GLN C 158 -1.74 15.51 -41.90
N GLU C 159 -1.17 16.71 -42.00
CA GLU C 159 0.21 16.85 -42.47
C GLU C 159 1.27 16.22 -41.57
N TRP C 160 1.18 16.45 -40.27
CA TRP C 160 2.14 15.89 -39.32
C TRP C 160 1.43 15.12 -38.21
N LEU C 161 2.17 14.28 -37.50
CA LEU C 161 1.59 13.45 -36.46
C LEU C 161 0.97 14.26 -35.31
N VAL C 162 1.60 15.37 -34.96
CA VAL C 162 1.08 16.22 -33.90
C VAL C 162 1.45 17.70 -34.03
N GLY C 163 0.48 18.57 -33.76
CA GLY C 163 0.77 19.97 -33.53
C GLY C 163 0.94 20.87 -34.74
N ASN C 164 0.58 20.36 -35.92
CA ASN C 164 0.58 21.15 -37.15
C ASN C 164 1.96 21.66 -37.56
N LYS C 165 3.00 21.01 -37.04
CA LYS C 165 4.38 21.29 -37.43
C LYS C 165 5.15 19.98 -37.30
N ALA C 166 6.23 19.84 -38.06
CA ALA C 166 7.08 18.66 -37.93
C ALA C 166 7.74 18.65 -36.56
N THR C 167 7.73 17.49 -35.90
CA THR C 167 8.33 17.36 -34.58
C THR C 167 9.19 16.09 -34.50
N VAL C 168 9.80 15.87 -33.33
CA VAL C 168 10.59 14.67 -33.12
C VAL C 168 9.76 13.40 -33.24
N ALA C 169 8.45 13.52 -33.05
CA ALA C 169 7.55 12.40 -33.28
C ALA C 169 7.64 11.93 -34.74
N ASP C 170 7.55 12.88 -35.67
CA ASP C 170 7.71 12.56 -37.08
C ASP C 170 9.12 12.07 -37.39
N PHE C 171 10.13 12.77 -36.84
CA PHE C 171 11.53 12.44 -37.11
C PHE C 171 11.83 10.98 -36.72
N SER C 172 11.22 10.54 -35.62
CA SER C 172 11.63 9.29 -34.98
C SER C 172 11.55 8.06 -35.89
N PHE C 173 10.61 8.08 -36.84
CA PHE C 173 10.38 6.93 -37.72
C PHE C 173 11.39 6.82 -38.87
N LEU C 174 12.14 7.88 -39.11
CA LEU C 174 13.00 7.98 -40.31
C LEU C 174 14.01 6.85 -40.49
N THR C 175 14.85 6.63 -39.48
CA THR C 175 15.99 5.73 -39.62
C THR C 175 15.58 4.27 -39.83
N TRP C 176 14.59 3.80 -39.07
CA TRP C 176 14.10 2.44 -39.26
C TRP C 176 13.35 2.29 -40.59
N ASN C 177 12.61 3.32 -40.99
CA ASN C 177 11.92 3.25 -42.28
C ASN C 177 12.90 3.23 -43.44
N ASP C 178 14.03 3.91 -43.27
CA ASP C 178 15.12 3.88 -44.26
C ASP C 178 15.59 2.45 -44.45
N ILE C 179 15.88 1.78 -43.33
CA ILE C 179 16.34 0.41 -43.34
C ILE C 179 15.31 -0.55 -43.94
N ALA C 180 14.05 -0.37 -43.57
CA ALA C 180 12.97 -1.19 -44.10
C ALA C 180 12.86 -1.05 -45.62
N ALA C 181 12.78 0.19 -46.10
CA ALA C 181 12.58 0.47 -47.52
C ALA C 181 13.76 0.03 -48.37
N ASN C 182 14.98 0.20 -47.85
CA ASN C 182 16.16 -0.03 -48.67
C ASN C 182 16.91 -1.33 -48.40
N LEU C 183 16.39 -2.15 -47.49
CA LEU C 183 17.07 -3.38 -47.13
C LEU C 183 16.13 -4.51 -46.74
N LEU C 184 15.08 -4.19 -45.99
CA LEU C 184 14.22 -5.22 -45.39
C LEU C 184 13.09 -5.71 -46.28
N LEU C 185 12.52 -4.82 -47.11
CA LEU C 185 11.36 -5.16 -47.90
C LEU C 185 11.71 -5.49 -49.35
N GLU C 186 11.00 -6.45 -49.92
CA GLU C 186 11.22 -6.87 -51.30
C GLU C 186 10.13 -6.30 -52.20
N ASN C 187 10.51 -6.00 -53.45
CA ASN C 187 9.61 -5.36 -54.43
C ASN C 187 8.73 -4.31 -53.80
N PHE C 188 9.34 -3.38 -53.08
CA PHE C 188 8.61 -2.39 -52.31
C PHE C 188 8.57 -1.07 -53.07
N ARG C 189 7.37 -0.52 -53.22
CA ARG C 189 7.20 0.78 -53.84
C ARG C 189 6.54 1.74 -52.87
N PHE C 190 7.38 2.46 -52.11
CA PHE C 190 6.94 3.32 -51.01
C PHE C 190 5.86 4.30 -51.46
N GLU C 191 6.11 4.99 -52.58
CA GLU C 191 5.20 6.02 -53.06
C GLU C 191 3.84 5.47 -53.50
N GLU C 192 3.83 4.26 -54.04
CA GLU C 192 2.58 3.66 -54.49
C GLU C 192 1.80 3.05 -53.34
N GLU C 193 2.48 2.35 -52.45
CA GLU C 193 1.82 1.62 -51.38
C GLU C 193 1.38 2.53 -50.24
N PHE C 194 2.21 3.51 -49.91
CA PHE C 194 1.92 4.44 -48.82
C PHE C 194 2.27 5.87 -49.23
N PRO C 195 1.46 6.46 -50.10
CA PRO C 195 1.77 7.77 -50.71
C PRO C 195 1.95 8.90 -49.71
N ALA C 196 1.06 9.00 -48.73
CA ALA C 196 1.14 10.07 -47.75
C ALA C 196 2.39 9.91 -46.88
N THR C 197 2.68 8.69 -46.49
CA THR C 197 3.85 8.41 -45.66
C THR C 197 5.13 8.65 -46.45
N ALA C 198 5.12 8.29 -47.73
CA ALA C 198 6.28 8.51 -48.58
C ALA C 198 6.60 9.99 -48.75
N LYS C 199 5.56 10.81 -48.92
CA LYS C 199 5.73 12.25 -49.10
C LYS C 199 6.27 12.87 -47.82
N TRP C 200 5.68 12.47 -46.70
CA TRP C 200 6.09 12.85 -45.36
C TRP C 200 7.56 12.56 -45.15
N ASN C 201 7.94 11.34 -45.48
CA ASN C 201 9.32 10.89 -45.41
C ASN C 201 10.25 11.77 -46.27
N LYS C 202 9.83 12.01 -47.51
CA LYS C 202 10.62 12.82 -48.44
C LYS C 202 10.85 14.25 -47.91
N LYS C 203 9.80 14.84 -47.35
CA LYS C 203 9.86 16.21 -46.85
C LYS C 203 10.82 16.33 -45.68
N LEU C 204 10.75 15.36 -44.77
CA LEU C 204 11.62 15.34 -43.60
C LEU C 204 13.08 15.26 -44.03
N LEU C 205 13.37 14.39 -45.00
CA LEU C 205 14.74 14.22 -45.46
C LEU C 205 15.27 15.46 -46.18
N GLU C 206 14.37 16.35 -46.57
CA GLU C 206 14.77 17.61 -47.20
C GLU C 206 15.18 18.66 -46.16
N ARG C 207 14.82 18.46 -44.90
CA ARG C 207 15.27 19.38 -43.84
C ARG C 207 16.79 19.38 -43.80
N PRO C 208 17.41 20.58 -43.86
CA PRO C 208 18.86 20.74 -43.94
C PRO C 208 19.62 19.97 -42.85
N ALA C 209 19.17 20.06 -41.61
CA ALA C 209 19.83 19.37 -40.51
C ALA C 209 19.78 17.85 -40.70
N ILE C 210 18.62 17.36 -41.13
CA ILE C 210 18.43 15.94 -41.38
C ILE C 210 19.19 15.49 -42.63
N ALA C 211 19.17 16.32 -43.67
CA ALA C 211 19.90 16.00 -44.89
C ALA C 211 21.38 15.88 -44.58
N LYS C 212 21.85 16.74 -43.67
CA LYS C 212 23.24 16.75 -43.24
C LYS C 212 23.61 15.47 -42.49
N VAL C 213 22.74 15.03 -41.59
CA VAL C 213 22.95 13.79 -40.86
C VAL C 213 22.93 12.60 -41.83
N TRP C 214 21.99 12.64 -42.78
CA TRP C 214 21.88 11.60 -43.80
C TRP C 214 23.17 11.43 -44.60
N GLU C 215 23.86 12.55 -44.87
CA GLU C 215 25.14 12.51 -45.55
C GLU C 215 26.18 11.77 -44.70
N GLU C 216 26.26 12.16 -43.42
CA GLU C 216 27.22 11.56 -42.51
C GLU C 216 26.93 10.07 -42.31
N LYS C 217 25.64 9.73 -42.36
CA LYS C 217 25.21 8.33 -42.21
C LYS C 217 25.66 7.49 -43.40
N ALA C 218 25.46 8.03 -44.61
CA ALA C 218 25.88 7.33 -45.83
C ALA C 218 27.39 7.23 -45.88
N LYS C 219 28.06 8.22 -45.32
CA LYS C 219 29.52 8.26 -45.23
C LYS C 219 30.04 7.04 -44.47
N ALA C 220 29.32 6.67 -43.42
CA ALA C 220 29.70 5.57 -42.54
C ALA C 220 29.26 4.19 -43.06
N ALA C 221 28.36 4.18 -44.04
CA ALA C 221 27.68 2.96 -44.46
C ALA C 221 28.46 2.10 -45.46
N HIS D 4 -23.67 3.96 -14.87
CA HIS D 4 -22.43 3.82 -15.61
C HIS D 4 -21.86 5.17 -16.05
N GLY D 5 -20.55 5.22 -16.23
CA GLY D 5 -19.89 6.44 -16.65
C GLY D 5 -19.01 7.07 -15.58
N LYS D 6 -17.71 6.83 -15.66
CA LYS D 6 -16.76 7.39 -14.70
C LYS D 6 -15.83 8.35 -15.42
N GLN D 7 -14.79 8.83 -14.72
CA GLN D 7 -13.89 9.81 -15.32
C GLN D 7 -13.21 9.31 -16.60
N PHE D 8 -12.80 8.05 -16.59
CA PHE D 8 -12.08 7.48 -17.73
C PHE D 8 -12.82 6.32 -18.37
N THR D 9 -12.61 6.15 -19.66
CA THR D 9 -12.94 4.89 -20.32
C THR D 9 -11.63 4.25 -20.73
N LEU D 10 -11.47 2.97 -20.40
CA LEU D 10 -10.27 2.23 -20.78
C LEU D 10 -10.65 1.14 -21.77
N TYR D 11 -10.21 1.28 -23.01
CA TYR D 11 -10.44 0.25 -24.01
C TYR D 11 -9.40 -0.82 -23.80
N THR D 12 -9.86 -2.05 -23.65
CA THR D 12 -8.95 -3.11 -23.23
C THR D 12 -9.42 -4.50 -23.62
N HIS D 13 -8.61 -5.48 -23.30
CA HIS D 13 -8.95 -6.89 -23.45
C HIS D 13 -8.22 -7.64 -22.34
N ASN D 14 -8.95 -8.42 -21.56
CA ASN D 14 -8.44 -8.97 -20.31
C ASN D 14 -7.28 -9.96 -20.40
N SER D 15 -7.09 -10.58 -21.57
CA SER D 15 -6.05 -11.58 -21.73
C SER D 15 -4.66 -11.00 -21.93
N GLY D 16 -4.56 -9.67 -21.94
CA GLY D 16 -3.28 -9.01 -22.18
C GLY D 16 -2.77 -8.16 -21.02
N PRO D 17 -1.44 -7.92 -20.99
CA PRO D 17 -0.74 -7.29 -19.86
C PRO D 17 -0.81 -5.75 -19.81
N ASN D 18 -0.94 -5.09 -20.94
CA ASN D 18 -0.82 -3.63 -20.95
C ASN D 18 -2.05 -2.88 -20.41
N GLY D 19 -3.23 -3.45 -20.61
CA GLY D 19 -4.46 -2.88 -20.06
C GLY D 19 -4.43 -2.92 -18.54
N TRP D 20 -4.07 -4.08 -18.00
CA TRP D 20 -3.97 -4.22 -16.55
C TRP D 20 -2.90 -3.28 -15.98
N LYS D 21 -1.87 -3.02 -16.77
CA LYS D 21 -0.83 -2.09 -16.36
C LYS D 21 -1.40 -0.70 -16.13
N VAL D 22 -2.25 -0.26 -17.05
CA VAL D 22 -2.90 1.04 -16.91
C VAL D 22 -3.88 1.01 -15.75
N ALA D 23 -4.59 -0.12 -15.61
CA ALA D 23 -5.54 -0.30 -14.51
C ALA D 23 -4.86 -0.12 -13.15
N ILE D 24 -3.64 -0.63 -13.05
CA ILE D 24 -2.86 -0.51 -11.82
C ILE D 24 -2.56 0.96 -11.51
N VAL D 25 -2.20 1.72 -12.52
CA VAL D 25 -1.91 3.15 -12.34
C VAL D 25 -3.16 3.90 -11.89
N LEU D 26 -4.29 3.60 -12.54
CA LEU D 26 -5.54 4.25 -12.20
C LEU D 26 -5.93 3.97 -10.75
N GLU D 27 -5.74 2.72 -10.31
CA GLU D 27 -6.11 2.34 -8.96
C GLU D 27 -5.20 3.00 -7.92
N GLU D 28 -3.90 3.04 -8.21
CA GLU D 28 -2.95 3.68 -7.31
C GLU D 28 -3.28 5.17 -7.16
N LEU D 29 -3.82 5.77 -8.22
CA LEU D 29 -4.15 7.18 -8.21
C LEU D 29 -5.55 7.46 -7.64
N GLY D 30 -6.31 6.41 -7.38
CA GLY D 30 -7.65 6.56 -6.85
C GLY D 30 -8.63 7.11 -7.87
N LEU D 31 -8.32 6.88 -9.15
CA LEU D 31 -9.14 7.37 -10.25
C LEU D 31 -10.12 6.31 -10.69
N SER D 32 -11.31 6.74 -11.11
CA SER D 32 -12.37 5.83 -11.52
C SER D 32 -12.40 5.64 -13.02
N TYR D 33 -12.64 4.41 -13.46
CA TYR D 33 -12.64 4.09 -14.88
C TYR D 33 -13.65 3.00 -15.20
N GLU D 34 -14.09 2.95 -16.46
CA GLU D 34 -14.92 1.86 -16.94
C GLU D 34 -14.24 1.21 -18.11
N PRO D 35 -14.08 -0.12 -18.07
CA PRO D 35 -13.54 -0.86 -19.21
C PRO D 35 -14.52 -0.99 -20.36
N VAL D 36 -14.02 -0.84 -21.58
CA VAL D 36 -14.75 -1.27 -22.77
C VAL D 36 -13.93 -2.40 -23.41
N PHE D 37 -14.56 -3.54 -23.61
CA PHE D 37 -13.85 -4.73 -24.08
C PHE D 37 -13.93 -4.90 -25.58
N LEU D 38 -12.77 -5.14 -26.19
CA LEU D 38 -12.71 -5.42 -27.61
C LEU D 38 -12.53 -6.92 -27.76
N ASP D 39 -13.32 -7.52 -28.64
CA ASP D 39 -13.15 -8.92 -28.95
C ASP D 39 -12.08 -9.04 -30.02
N LEU D 40 -10.87 -9.38 -29.60
CA LEU D 40 -9.75 -9.47 -30.53
C LEU D 40 -9.97 -10.60 -31.54
N MET D 41 -10.56 -11.71 -31.08
CA MET D 41 -10.77 -12.86 -31.96
C MET D 41 -11.73 -12.51 -33.09
N LYS D 42 -12.70 -11.65 -32.80
CA LYS D 42 -13.65 -11.21 -33.82
C LYS D 42 -13.09 -10.06 -34.65
N GLY D 43 -11.93 -9.54 -34.26
CA GLY D 43 -11.27 -8.48 -34.99
C GLY D 43 -11.84 -7.10 -34.73
N GLU D 44 -12.47 -6.94 -33.57
CA GLU D 44 -13.12 -5.67 -33.22
C GLU D 44 -12.12 -4.53 -33.14
N HIS D 45 -10.88 -4.86 -32.79
CA HIS D 45 -9.82 -3.87 -32.64
C HIS D 45 -9.28 -3.40 -33.98
N LYS D 46 -9.70 -4.05 -35.06
CA LYS D 46 -9.26 -3.68 -36.41
C LYS D 46 -10.41 -3.09 -37.22
N ALA D 47 -11.58 -2.99 -36.60
CA ALA D 47 -12.77 -2.41 -37.24
C ALA D 47 -12.69 -0.88 -37.22
N PRO D 48 -13.40 -0.21 -38.17
CA PRO D 48 -13.29 1.25 -38.30
C PRO D 48 -13.60 2.03 -37.03
N GLU D 49 -14.54 1.53 -36.23
CA GLU D 49 -14.95 2.22 -35.01
C GLU D 49 -13.78 2.39 -34.05
N TYR D 50 -13.08 1.31 -33.77
CA TYR D 50 -11.97 1.39 -32.81
C TYR D 50 -10.74 2.10 -33.39
N LEU D 51 -10.54 1.96 -34.70
CA LEU D 51 -9.41 2.62 -35.36
C LEU D 51 -9.49 4.13 -35.23
N LYS D 52 -10.70 4.66 -35.02
CA LYS D 52 -10.89 6.08 -34.74
C LYS D 52 -10.23 6.45 -33.43
N ILE D 53 -10.21 5.49 -32.50
CA ILE D 53 -9.68 5.70 -31.17
C ILE D 53 -8.17 5.47 -31.14
N ASN D 54 -7.75 4.33 -31.69
CA ASN D 54 -6.33 4.05 -31.89
C ASN D 54 -6.11 3.47 -33.28
N PRO D 55 -5.48 4.25 -34.17
CA PRO D 55 -5.26 3.81 -35.55
C PRO D 55 -4.30 2.61 -35.62
N ASN D 56 -3.57 2.36 -34.54
CA ASN D 56 -2.70 1.19 -34.48
C ASN D 56 -3.51 -0.09 -34.33
N GLY D 57 -4.77 0.04 -33.94
CA GLY D 57 -5.63 -1.11 -33.78
C GLY D 57 -5.10 -2.08 -32.74
N ARG D 58 -4.63 -1.52 -31.63
CA ARG D 58 -4.21 -2.33 -30.48
C ARG D 58 -4.77 -1.72 -29.22
N VAL D 59 -4.86 -2.53 -28.17
CA VAL D 59 -5.29 -2.04 -26.86
C VAL D 59 -4.07 -2.00 -25.94
N PRO D 60 -4.10 -1.13 -24.90
CA PRO D 60 -5.20 -0.27 -24.48
C PRO D 60 -5.22 1.11 -25.11
N ALA D 61 -6.33 1.82 -24.88
CA ALA D 61 -6.45 3.24 -25.18
C ALA D 61 -7.31 3.87 -24.08
N LEU D 62 -7.09 5.16 -23.83
CA LEU D 62 -7.74 5.84 -22.71
C LEU D 62 -8.44 7.13 -23.14
N ILE D 63 -9.64 7.33 -22.65
CA ILE D 63 -10.35 8.60 -22.82
C ILE D 63 -10.55 9.26 -21.47
N ASP D 64 -10.15 10.53 -21.36
CA ASP D 64 -10.32 11.29 -20.13
C ASP D 64 -11.55 12.20 -20.30
N HIS D 65 -12.68 11.76 -19.77
CA HIS D 65 -13.93 12.50 -19.92
C HIS D 65 -13.92 13.84 -19.16
N LYS D 66 -12.99 13.99 -18.23
CA LYS D 66 -12.87 15.25 -17.47
C LYS D 66 -11.94 16.21 -18.19
N ASN D 67 -11.25 15.73 -19.21
CA ASN D 67 -10.36 16.57 -19.99
C ASN D 67 -10.81 16.59 -21.46
N ASN D 68 -12.06 16.98 -21.68
CA ASN D 68 -12.60 17.14 -23.03
C ASN D 68 -12.54 15.85 -23.85
N ASN D 69 -12.68 14.72 -23.18
CA ASN D 69 -12.57 13.41 -23.82
C ASN D 69 -11.25 13.24 -24.57
N TYR D 70 -10.19 13.80 -23.98
CA TYR D 70 -8.85 13.63 -24.52
C TYR D 70 -8.52 12.16 -24.63
N THR D 71 -8.05 11.75 -25.79
CA THR D 71 -7.83 10.34 -26.07
C THR D 71 -6.35 10.07 -26.33
N VAL D 72 -5.82 9.04 -25.69
CA VAL D 72 -4.42 8.72 -25.83
C VAL D 72 -4.22 7.21 -25.78
N TRP D 73 -3.32 6.70 -26.63
CA TRP D 73 -2.98 5.28 -26.59
C TRP D 73 -1.47 5.10 -26.42
N GLU D 74 -1.01 3.86 -26.49
CA GLU D 74 0.29 3.44 -25.97
C GLU D 74 0.28 3.46 -24.44
N SER D 75 0.29 2.28 -23.83
CA SER D 75 0.13 2.15 -22.39
C SER D 75 1.07 3.00 -21.54
N ASN D 76 2.30 3.20 -21.98
CA ASN D 76 3.23 4.01 -21.19
C ASN D 76 3.08 5.52 -21.42
N ALA D 77 2.52 5.89 -22.55
CA ALA D 77 2.16 7.27 -22.81
C ALA D 77 0.91 7.62 -22.00
N VAL D 78 -0.05 6.70 -21.97
CA VAL D 78 -1.24 6.84 -21.16
C VAL D 78 -0.85 6.98 -19.68
N THR D 79 0.10 6.15 -19.26
CA THR D 79 0.61 6.16 -17.90
C THR D 79 1.22 7.51 -17.56
N GLN D 80 2.01 8.04 -18.48
CA GLN D 80 2.68 9.32 -18.23
C GLN D 80 1.65 10.45 -18.09
N TYR D 81 0.67 10.44 -18.98
CA TYR D 81 -0.43 11.39 -18.94
C TYR D 81 -1.10 11.37 -17.57
N LEU D 82 -1.43 10.17 -17.10
CA LEU D 82 -2.12 9.99 -15.83
C LEU D 82 -1.33 10.53 -14.65
N VAL D 83 -0.08 10.11 -14.50
CA VAL D 83 0.69 10.56 -13.35
C VAL D 83 1.06 12.05 -13.42
N ASP D 84 1.38 12.55 -14.61
CA ASP D 84 1.79 13.95 -14.72
C ASP D 84 0.62 14.87 -14.39
N LYS D 85 -0.57 14.49 -14.82
CA LYS D 85 -1.74 15.34 -14.62
C LYS D 85 -2.41 15.11 -13.26
N TYR D 86 -2.38 13.86 -12.78
CA TYR D 86 -3.18 13.51 -11.61
C TYR D 86 -2.44 13.03 -10.36
N ASP D 87 -1.12 12.90 -10.43
CA ASP D 87 -0.35 12.51 -9.26
C ASP D 87 0.39 13.73 -8.69
N ASN D 88 -0.37 14.74 -8.30
CA ASN D 88 0.20 15.99 -7.78
C ASN D 88 0.96 15.82 -6.47
N ASP D 89 0.56 14.84 -5.66
CA ASP D 89 1.28 14.55 -4.42
C ASP D 89 2.53 13.73 -4.69
N ARG D 90 2.73 13.37 -5.97
CA ARG D 90 3.87 12.57 -6.40
C ARG D 90 4.05 11.32 -5.55
N LYS D 91 2.94 10.60 -5.35
CA LYS D 91 2.95 9.36 -4.58
C LYS D 91 3.58 8.19 -5.34
N ILE D 92 3.47 8.22 -6.67
CA ILE D 92 3.96 7.13 -7.51
C ILE D 92 4.70 7.62 -8.77
N SER D 93 5.25 8.82 -8.72
CA SER D 93 5.94 9.39 -9.87
C SER D 93 6.84 10.52 -9.43
N VAL D 94 7.86 10.83 -10.21
CA VAL D 94 8.70 11.97 -9.91
C VAL D 94 8.14 13.18 -10.64
N ALA D 95 8.62 14.37 -10.26
CA ALA D 95 8.09 15.61 -10.81
C ALA D 95 8.55 15.88 -12.24
N PRO D 96 7.62 16.26 -13.14
CA PRO D 96 8.01 16.78 -14.45
C PRO D 96 8.95 17.97 -14.28
N GLY D 97 9.86 18.17 -15.22
CA GLY D 97 10.77 19.30 -15.18
C GLY D 97 12.06 19.03 -14.41
N THR D 98 12.19 17.84 -13.83
CA THR D 98 13.42 17.47 -13.14
C THR D 98 14.34 16.70 -14.07
N ASN D 99 15.55 16.39 -13.61
CA ASN D 99 16.40 15.45 -14.33
C ASN D 99 15.84 14.03 -14.20
N GLU D 100 15.47 13.65 -12.98
CA GLU D 100 15.06 12.26 -12.73
C GLU D 100 13.80 11.85 -13.49
N TYR D 101 13.03 12.83 -13.92
CA TYR D 101 11.86 12.56 -14.77
C TYR D 101 12.28 11.79 -16.02
N TYR D 102 13.48 12.08 -16.51
CA TYR D 102 13.94 11.47 -17.75
C TYR D 102 14.60 10.11 -17.51
N THR D 103 14.97 9.86 -16.26
CA THR D 103 15.42 8.54 -15.84
C THR D 103 14.21 7.64 -15.64
N GLN D 104 13.14 8.21 -15.10
CA GLN D 104 11.86 7.53 -15.01
C GLN D 104 11.39 7.16 -16.40
N LEU D 105 11.50 8.12 -17.33
CA LEU D 105 11.10 7.92 -18.71
C LEU D 105 11.95 6.86 -19.41
N GLN D 106 13.25 6.91 -19.14
CA GLN D 106 14.19 5.91 -19.64
C GLN D 106 13.77 4.50 -19.25
N TRP D 107 13.44 4.31 -17.98
CA TRP D 107 13.01 2.98 -17.53
C TRP D 107 11.68 2.57 -18.16
N LEU D 108 10.78 3.52 -18.34
CA LEU D 108 9.51 3.26 -19.03
C LEU D 108 9.71 2.88 -20.51
N TYR D 109 10.69 3.50 -21.17
CA TYR D 109 11.02 3.10 -22.54
C TYR D 109 11.71 1.74 -22.58
N PHE D 110 12.50 1.43 -21.54
CA PHE D 110 13.12 0.11 -21.48
C PHE D 110 12.02 -0.94 -21.35
N GLN D 111 11.03 -0.66 -20.52
CA GLN D 111 9.88 -1.57 -20.42
C GLN D 111 9.16 -1.69 -21.76
N ALA D 112 8.84 -0.54 -22.37
CA ALA D 112 8.01 -0.55 -23.57
C ALA D 112 8.72 -1.08 -24.82
N SER D 113 10.05 -0.93 -24.88
CA SER D 113 10.79 -1.29 -26.10
C SER D 113 11.71 -2.49 -25.90
N GLY D 114 12.08 -2.75 -24.65
CA GLY D 114 13.03 -3.80 -24.33
C GLY D 114 12.42 -5.01 -23.66
N GLN D 115 11.40 -4.79 -22.84
CA GLN D 115 10.71 -5.90 -22.19
C GLN D 115 9.53 -6.40 -23.03
N GLY D 116 8.48 -5.59 -23.12
CA GLY D 116 7.24 -5.98 -23.77
C GLY D 116 7.33 -6.62 -25.15
N PRO D 117 8.01 -5.95 -26.10
CA PRO D 117 8.03 -6.54 -27.44
C PRO D 117 8.82 -7.84 -27.50
N TYR D 118 9.93 -7.92 -26.78
CA TYR D 118 10.73 -9.13 -26.80
C TYR D 118 10.08 -10.29 -26.04
N TYR D 119 9.46 -10.00 -24.90
CA TYR D 119 8.68 -11.01 -24.19
C TYR D 119 7.53 -11.44 -25.10
N GLY D 120 7.00 -10.47 -25.85
CA GLY D 120 5.91 -10.71 -26.77
C GLY D 120 6.27 -11.65 -27.91
N GLN D 121 7.51 -11.59 -28.36
CA GLN D 121 7.96 -12.52 -29.40
C GLN D 121 8.16 -13.91 -28.82
N ALA D 122 8.59 -13.98 -27.56
CA ALA D 122 8.67 -15.27 -26.89
C ALA D 122 7.28 -15.87 -26.81
N ALA D 123 6.31 -15.05 -26.41
CA ALA D 123 4.94 -15.49 -26.33
C ALA D 123 4.44 -15.92 -27.72
N TRP D 124 4.75 -15.14 -28.74
CA TRP D 124 4.29 -15.47 -30.08
C TRP D 124 4.81 -16.83 -30.56
N PHE D 125 6.12 -17.00 -30.55
CA PHE D 125 6.69 -18.26 -31.07
C PHE D 125 6.39 -19.48 -30.20
N SER D 126 6.21 -19.26 -28.90
CA SER D 126 5.90 -20.36 -27.98
C SER D 126 4.46 -20.84 -28.08
N VAL D 127 3.53 -19.93 -28.36
CA VAL D 127 2.11 -20.25 -28.26
C VAL D 127 1.34 -20.16 -29.58
N TYR D 128 1.58 -19.10 -30.34
CA TYR D 128 0.70 -18.77 -31.45
C TYR D 128 1.22 -19.07 -32.85
N HIS D 129 2.52 -18.97 -33.05
CA HIS D 129 3.11 -19.21 -34.38
C HIS D 129 2.78 -20.63 -34.82
N PRO D 130 2.19 -20.78 -36.02
CA PRO D 130 1.73 -22.08 -36.52
C PRO D 130 2.85 -23.06 -36.86
N GLU D 131 4.09 -22.62 -36.76
CA GLU D 131 5.25 -23.49 -36.95
C GLU D 131 6.07 -23.44 -35.68
N LYS D 132 6.43 -24.61 -35.15
CA LYS D 132 7.28 -24.66 -33.96
C LYS D 132 8.72 -24.48 -34.38
N ILE D 133 9.33 -23.41 -33.90
CA ILE D 133 10.69 -23.05 -34.28
C ILE D 133 11.55 -22.94 -33.03
N PRO D 134 12.22 -24.04 -32.65
CA PRO D 134 13.04 -24.06 -31.44
C PRO D 134 14.08 -22.94 -31.40
N SER D 135 14.68 -22.60 -32.54
CA SER D 135 15.70 -21.55 -32.55
C SER D 135 15.10 -20.18 -32.22
N ALA D 136 13.86 -19.96 -32.66
CA ALA D 136 13.18 -18.70 -32.36
C ALA D 136 12.72 -18.65 -30.91
N ILE D 137 12.14 -19.74 -30.44
CA ILE D 137 11.72 -19.85 -29.05
C ILE D 137 12.91 -19.66 -28.12
N GLU D 138 14.03 -20.29 -28.46
CA GLU D 138 15.25 -20.16 -27.66
C GLU D 138 15.74 -18.72 -27.63
N ARG D 139 15.75 -18.08 -28.81
CA ARG D 139 16.21 -16.70 -28.94
C ARG D 139 15.50 -15.74 -27.98
N TYR D 140 14.18 -15.77 -27.96
CA TYR D 140 13.43 -14.81 -27.15
C TYR D 140 13.36 -15.22 -25.68
N ARG D 141 13.48 -16.51 -25.43
CA ARG D 141 13.60 -17.04 -24.07
C ARG D 141 14.87 -16.48 -23.42
N ASN D 142 15.97 -16.54 -24.15
CA ASN D 142 17.23 -16.02 -23.66
C ASN D 142 17.19 -14.51 -23.49
N GLU D 143 16.45 -13.84 -24.36
CA GLU D 143 16.31 -12.39 -24.25
C GLU D 143 15.52 -11.98 -23.01
N ILE D 144 14.49 -12.77 -22.66
CA ILE D 144 13.76 -12.55 -21.41
C ILE D 144 14.73 -12.58 -20.23
N LYS D 145 15.56 -13.62 -20.18
CA LYS D 145 16.55 -13.74 -19.13
C LYS D 145 17.50 -12.54 -19.10
N ARG D 146 17.90 -12.08 -20.28
CA ARG D 146 18.83 -10.95 -20.39
C ARG D 146 18.20 -9.69 -19.80
N VAL D 147 16.93 -9.47 -20.13
CA VAL D 147 16.18 -8.32 -19.60
C VAL D 147 16.07 -8.38 -18.08
N LEU D 148 15.73 -9.55 -17.54
CA LEU D 148 15.67 -9.73 -16.09
C LEU D 148 17.03 -9.45 -15.45
N GLY D 149 18.10 -9.79 -16.16
CA GLY D 149 19.44 -9.54 -15.67
C GLY D 149 19.77 -8.07 -15.58
N VAL D 150 19.20 -7.28 -16.49
CA VAL D 150 19.39 -5.83 -16.47
C VAL D 150 18.69 -5.25 -15.26
N LEU D 151 17.47 -5.70 -15.01
CA LEU D 151 16.73 -5.30 -13.82
C LEU D 151 17.48 -5.71 -12.56
N GLU D 152 17.97 -6.93 -12.54
CA GLU D 152 18.68 -7.47 -11.38
C GLU D 152 19.94 -6.67 -11.06
N SER D 153 20.70 -6.31 -12.08
CA SER D 153 21.95 -5.58 -11.87
C SER D 153 21.70 -4.19 -11.28
N THR D 154 20.57 -3.59 -11.60
CA THR D 154 20.19 -2.31 -11.01
C THR D 154 19.61 -2.48 -9.62
N LEU D 155 18.62 -3.37 -9.50
CA LEU D 155 17.86 -3.52 -8.26
C LEU D 155 18.67 -4.14 -7.12
N SER D 156 19.80 -4.74 -7.44
CA SER D 156 20.64 -5.33 -6.40
C SER D 156 21.49 -4.27 -5.71
N LYS D 157 21.50 -3.06 -6.27
CA LYS D 157 22.29 -1.98 -5.69
C LYS D 157 21.48 -0.74 -5.36
N GLN D 158 20.22 -0.72 -5.76
CA GLN D 158 19.30 0.34 -5.34
C GLN D 158 17.88 -0.22 -5.15
N GLU D 159 17.15 0.40 -4.24
CA GLU D 159 15.84 -0.10 -3.84
C GLU D 159 14.80 -0.03 -4.97
N TRP D 160 14.70 1.14 -5.60
CA TRP D 160 13.75 1.34 -6.68
C TRP D 160 14.48 1.89 -7.91
N LEU D 161 13.83 1.80 -9.08
CA LEU D 161 14.46 2.24 -10.32
C LEU D 161 14.82 3.72 -10.33
N VAL D 162 13.94 4.55 -9.74
CA VAL D 162 14.15 5.99 -9.78
C VAL D 162 13.48 6.72 -8.60
N GLY D 163 14.06 7.86 -8.21
CA GLY D 163 13.41 8.77 -7.28
C GLY D 163 13.34 8.33 -5.83
N ASN D 164 14.08 7.29 -5.46
CA ASN D 164 14.11 6.78 -4.10
C ASN D 164 12.73 6.39 -3.54
N LYS D 165 11.84 5.96 -4.42
CA LYS D 165 10.49 5.57 -4.04
C LYS D 165 9.90 4.70 -5.12
N ALA D 166 8.88 3.91 -4.79
CA ALA D 166 8.17 3.13 -5.78
C ALA D 166 7.45 4.05 -6.75
N THR D 167 7.65 3.83 -8.06
CA THR D 167 7.00 4.66 -9.07
C THR D 167 6.39 3.81 -10.18
N VAL D 168 5.71 4.47 -11.11
CA VAL D 168 5.15 3.78 -12.27
C VAL D 168 6.23 3.09 -13.11
N ALA D 169 7.46 3.57 -13.03
CA ALA D 169 8.58 2.89 -13.69
C ALA D 169 8.72 1.47 -13.13
N ASP D 170 8.70 1.34 -11.80
CA ASP D 170 8.76 0.03 -11.18
C ASP D 170 7.52 -0.79 -11.56
N PHE D 171 6.34 -0.17 -11.47
CA PHE D 171 5.08 -0.86 -11.73
C PHE D 171 5.03 -1.44 -13.13
N SER D 172 5.64 -0.74 -14.08
CA SER D 172 5.45 -1.04 -15.51
C SER D 172 5.85 -2.47 -15.91
N PHE D 173 6.80 -3.04 -15.19
CA PHE D 173 7.36 -4.35 -15.53
C PHE D 173 6.55 -5.54 -15.04
N LEU D 174 5.59 -5.30 -14.16
CA LEU D 174 4.86 -6.37 -13.47
C LEU D 174 4.14 -7.37 -14.39
N THR D 175 3.32 -6.87 -15.30
CA THR D 175 2.43 -7.75 -16.05
C THR D 175 3.17 -8.67 -17.03
N TRP D 176 4.20 -8.14 -17.69
CA TRP D 176 5.00 -8.99 -18.57
C TRP D 176 5.89 -9.95 -17.79
N ASN D 177 6.40 -9.52 -16.64
CA ASN D 177 7.19 -10.44 -15.81
C ASN D 177 6.33 -11.59 -15.28
N ASP D 178 5.06 -11.31 -15.02
CA ASP D 178 4.13 -12.34 -14.58
C ASP D 178 3.93 -13.36 -15.69
N ILE D 179 3.75 -12.88 -16.92
CA ILE D 179 3.59 -13.77 -18.06
C ILE D 179 4.87 -14.59 -18.30
N ALA D 180 6.03 -13.95 -18.21
CA ALA D 180 7.30 -14.66 -18.39
C ALA D 180 7.50 -15.73 -17.33
N ALA D 181 7.31 -15.36 -16.07
CA ALA D 181 7.55 -16.26 -14.94
C ALA D 181 6.60 -17.45 -14.93
N ASN D 182 5.35 -17.21 -15.32
CA ASN D 182 4.29 -18.20 -15.14
C ASN D 182 3.81 -18.89 -16.41
N LEU D 183 4.28 -18.45 -17.56
CA LEU D 183 3.83 -19.03 -18.83
C LEU D 183 4.96 -19.33 -19.82
N LEU D 184 5.94 -18.44 -19.88
CA LEU D 184 6.94 -18.50 -20.95
C LEU D 184 8.19 -19.29 -20.61
N LEU D 185 8.58 -19.29 -19.34
CA LEU D 185 9.84 -19.91 -18.94
C LEU D 185 9.60 -21.26 -18.25
N GLU D 186 10.20 -22.32 -18.77
CA GLU D 186 10.00 -23.65 -18.22
C GLU D 186 10.95 -23.92 -17.05
N ASN D 187 10.41 -24.51 -15.98
CA ASN D 187 11.16 -24.82 -14.78
C ASN D 187 11.87 -23.58 -14.22
N PHE D 188 11.11 -22.50 -14.07
CA PHE D 188 11.69 -21.22 -13.68
C PHE D 188 11.38 -20.85 -12.24
N ARG D 189 12.42 -20.49 -11.50
CA ARG D 189 12.27 -20.04 -10.13
C ARG D 189 12.74 -18.60 -9.99
N PHE D 190 11.79 -17.67 -10.09
CA PHE D 190 12.08 -16.24 -10.06
C PHE D 190 12.98 -15.83 -8.90
N GLU D 191 12.62 -16.25 -7.69
CA GLU D 191 13.36 -15.86 -6.48
C GLU D 191 14.77 -16.42 -6.44
N GLU D 192 15.00 -17.52 -7.14
CA GLU D 192 16.30 -18.16 -7.15
C GLU D 192 17.24 -17.55 -8.19
N GLU D 193 16.71 -17.27 -9.39
CA GLU D 193 17.53 -16.79 -10.50
C GLU D 193 17.77 -15.28 -10.45
N PHE D 194 16.78 -14.54 -9.93
CA PHE D 194 16.87 -13.10 -9.85
C PHE D 194 16.29 -12.60 -8.53
N PRO D 195 17.04 -12.82 -7.43
CA PRO D 195 16.53 -12.56 -6.08
C PRO D 195 16.08 -11.11 -5.83
N ALA D 196 16.87 -10.13 -6.26
CA ALA D 196 16.51 -8.73 -6.04
C ALA D 196 15.25 -8.37 -6.81
N THR D 197 15.17 -8.85 -8.04
CA THR D 197 14.03 -8.55 -8.91
C THR D 197 12.76 -9.21 -8.38
N ALA D 198 12.89 -10.45 -7.89
CA ALA D 198 11.73 -11.17 -7.37
C ALA D 198 11.19 -10.53 -6.09
N LYS D 199 12.10 -10.05 -5.23
CA LYS D 199 11.69 -9.40 -3.99
C LYS D 199 10.99 -8.09 -4.29
N TRP D 200 11.54 -7.39 -5.28
CA TRP D 200 10.99 -6.15 -5.81
C TRP D 200 9.59 -6.42 -6.36
N ASN D 201 9.50 -7.42 -7.23
CA ASN D 201 8.24 -7.85 -7.83
C ASN D 201 7.19 -8.17 -6.77
N LYS D 202 7.59 -8.97 -5.79
CA LYS D 202 6.65 -9.42 -4.75
C LYS D 202 6.15 -8.26 -3.90
N LYS D 203 7.05 -7.36 -3.54
CA LYS D 203 6.70 -6.21 -2.71
C LYS D 203 5.70 -5.30 -3.45
N LEU D 204 5.93 -5.11 -4.74
CA LEU D 204 5.01 -4.32 -5.55
C LEU D 204 3.63 -4.97 -5.62
N LEU D 205 3.60 -6.28 -5.84
CA LEU D 205 2.34 -7.00 -5.96
C LEU D 205 1.54 -6.95 -4.66
N GLU D 206 2.23 -6.71 -3.55
CA GLU D 206 1.57 -6.66 -2.25
C GLU D 206 1.13 -5.25 -1.84
N ARG D 207 1.45 -4.24 -2.64
CA ARG D 207 0.85 -2.91 -2.44
C ARG D 207 -0.66 -3.05 -2.58
N PRO D 208 -1.42 -2.48 -1.64
CA PRO D 208 -2.88 -2.67 -1.57
C PRO D 208 -3.61 -2.39 -2.89
N ALA D 209 -3.26 -1.31 -3.57
CA ALA D 209 -3.90 -0.97 -4.83
C ALA D 209 -3.56 -2.00 -5.90
N ILE D 210 -2.29 -2.39 -5.96
CA ILE D 210 -1.85 -3.33 -6.98
C ILE D 210 -2.44 -4.71 -6.72
N ALA D 211 -2.50 -5.10 -5.44
CA ALA D 211 -3.05 -6.40 -5.07
C ALA D 211 -4.53 -6.49 -5.47
N LYS D 212 -5.23 -5.37 -5.31
CA LYS D 212 -6.64 -5.31 -5.68
C LYS D 212 -6.82 -5.56 -7.17
N VAL D 213 -6.07 -4.86 -8.00
CA VAL D 213 -6.15 -5.03 -9.45
C VAL D 213 -5.66 -6.41 -9.85
N TRP D 214 -4.63 -6.91 -9.17
CA TRP D 214 -4.07 -8.21 -9.48
C TRP D 214 -5.10 -9.31 -9.27
N GLU D 215 -5.96 -9.13 -8.27
CA GLU D 215 -7.00 -10.11 -8.00
C GLU D 215 -8.09 -10.03 -9.05
N GLU D 216 -8.41 -8.82 -9.49
CA GLU D 216 -9.36 -8.61 -10.58
C GLU D 216 -8.84 -9.35 -11.82
N LYS D 217 -7.54 -9.21 -12.06
CA LYS D 217 -6.89 -9.86 -13.19
C LYS D 217 -6.99 -11.38 -13.11
N ALA D 218 -6.73 -11.92 -11.92
CA ALA D 218 -6.74 -13.37 -11.71
C ALA D 218 -8.12 -13.97 -11.91
N LYS D 219 -9.14 -13.30 -11.37
CA LYS D 219 -10.52 -13.75 -11.59
C LYS D 219 -10.87 -13.71 -13.06
N ALA D 220 -10.43 -12.66 -13.74
CA ALA D 220 -10.71 -12.53 -15.17
C ALA D 220 -10.13 -13.70 -15.94
N ALA D 221 -8.96 -14.17 -15.52
CA ALA D 221 -8.27 -15.25 -16.23
C ALA D 221 -8.83 -16.62 -15.87
N ALA D 222 -9.55 -16.68 -14.75
CA ALA D 222 -9.96 -17.96 -14.19
C ALA D 222 -11.30 -18.41 -14.76
N HIS D 223 -11.36 -18.56 -16.07
CA HIS D 223 -12.59 -18.90 -16.75
C HIS D 223 -12.39 -20.05 -17.69
#